data_4CMK
#
_entry.id   4CMK
#
_cell.length_a   74.541
_cell.length_b   90.275
_cell.length_c   82.329
_cell.angle_alpha   90.00
_cell.angle_beta   115.54
_cell.angle_gamma   90.00
#
_symmetry.space_group_name_H-M   'P 1 21 1'
#
loop_
_entity.id
_entity.type
_entity.pdbx_description
1 polymer 'PTERIDINE REDUCTASE 1'
2 non-polymer 'NADP NICOTINAMIDE-ADENINE-DINUCLEOTIDE PHOSPHATE'
3 non-polymer 2-amino-5-phenethyl-6-phenyl-3H-pyrrolo[2,3-d]pyrimidin-4(7H)-one
4 non-polymer 'ACETATE ION'
5 water water
#
_entity_poly.entity_id   1
_entity_poly.type   'polypeptide(L)'
_entity_poly.pdbx_seq_one_letter_code
;MGSSHHHHHHSSGLVPRGSHMEAPAAVVTGAAKRIGRAIAVKLHQTGYRVVIHYHNSAEAAVSLADELNKERSNTAVVCQ
ADLTNSNVLPASCEEIINSCFRAFGRCDVLVNNASAFYPTPLVQGDHEDNSNGKTVETQVAELIGTNAIAPFLLTMSFAQ
RQKGTNPNCTSSNLSIVNLCDAMVDQPCMAFSLYNMGKHALVGLTQSAALELAPYGIRVNGVAPGVSLLPVAMGEEEKDK
WRRKVPLGRREASAEQIADAVIFLVSGSAQYITGSIIKVDGGLSLVHA
;
_entity_poly.pdbx_strand_id   A,B,C,D
#
loop_
_chem_comp.id
_chem_comp.type
_chem_comp.name
_chem_comp.formula
ACT non-polymer 'ACETATE ION' 'C2 H3 O2 -1'
FQW non-polymer 2-amino-5-phenethyl-6-phenyl-3H-pyrrolo[2,3-d]pyrimidin-4(7H)-one 'C20 H18 N4 O'
NAP non-polymer 'NADP NICOTINAMIDE-ADENINE-DINUCLEOTIDE PHOSPHATE' 'C21 H28 N7 O17 P3'
#
# COMPACT_ATOMS: atom_id res chain seq x y z
N GLU A 22 40.07 -9.88 0.26
CA GLU A 22 39.44 -11.06 0.92
C GLU A 22 37.94 -11.14 0.60
N ALA A 23 37.38 -12.33 0.53
CA ALA A 23 36.04 -12.50 -0.03
C ALA A 23 34.95 -12.23 1.04
N PRO A 24 33.87 -11.53 0.66
CA PRO A 24 32.82 -11.35 1.63
C PRO A 24 32.09 -12.67 1.97
N ALA A 25 31.30 -12.67 3.04
CA ALA A 25 30.63 -13.89 3.49
C ALA A 25 29.13 -13.69 3.67
N ALA A 26 28.37 -14.67 3.28
CA ALA A 26 26.93 -14.61 3.39
C ALA A 26 26.36 -15.82 4.13
N VAL A 27 25.31 -15.58 4.91
CA VAL A 27 24.46 -16.59 5.52
C VAL A 27 23.14 -16.62 4.77
N VAL A 28 22.78 -17.80 4.30
CA VAL A 28 21.50 -18.01 3.69
C VAL A 28 20.80 -19.09 4.48
N THR A 29 19.61 -18.79 4.98
CA THR A 29 18.85 -19.71 5.78
C THR A 29 18.03 -20.57 4.82
N GLY A 30 17.66 -21.73 5.28
CA GLY A 30 17.04 -22.73 4.39
C GLY A 30 17.64 -22.88 2.99
N ALA A 31 18.96 -23.06 2.91
CA ALA A 31 19.70 -22.97 1.64
C ALA A 31 20.03 -24.34 0.98
N ALA A 32 19.53 -25.42 1.54
CA ALA A 32 19.89 -26.71 1.04
C ALA A 32 19.23 -27.02 -0.32
N LYS A 33 18.17 -26.32 -0.65
CA LYS A 33 17.50 -26.57 -1.91
C LYS A 33 16.64 -25.41 -2.39
N ARG A 34 16.04 -25.60 -3.58
CA ARG A 34 15.03 -24.72 -4.13
C ARG A 34 15.54 -23.29 -4.15
N ILE A 35 14.74 -22.34 -3.68
CA ILE A 35 15.15 -20.97 -3.85
C ILE A 35 16.39 -20.65 -3.05
N GLY A 36 16.50 -21.10 -1.80
CA GLY A 36 17.69 -20.79 -1.00
C GLY A 36 18.98 -21.36 -1.61
N ARG A 37 18.90 -22.53 -2.23
CA ARG A 37 20.10 -23.12 -2.84
C ARG A 37 20.50 -22.19 -3.98
N ALA A 38 19.52 -21.69 -4.74
CA ALA A 38 19.79 -20.87 -5.88
C ALA A 38 20.42 -19.52 -5.48
N ILE A 39 19.97 -18.93 -4.38
CA ILE A 39 20.54 -17.70 -3.82
C ILE A 39 22.01 -17.96 -3.37
N ALA A 40 22.26 -19.01 -2.59
CA ALA A 40 23.64 -19.36 -2.23
C ALA A 40 24.51 -19.70 -3.41
N VAL A 41 24.01 -20.45 -4.42
CA VAL A 41 24.79 -20.74 -5.61
C VAL A 41 25.19 -19.42 -6.28
N LYS A 42 24.19 -18.56 -6.50
CA LYS A 42 24.48 -17.26 -7.12
C LYS A 42 25.40 -16.36 -6.29
N LEU A 43 25.20 -16.34 -4.99
CA LEU A 43 26.11 -15.60 -4.13
C LEU A 43 27.53 -16.13 -4.27
N HIS A 44 27.64 -17.45 -4.40
CA HIS A 44 28.94 -18.11 -4.52
C HIS A 44 29.63 -17.74 -5.85
N GLN A 45 28.86 -17.74 -6.93
CA GLN A 45 29.34 -17.37 -8.26
C GLN A 45 29.85 -15.95 -8.39
N THR A 46 29.31 -15.05 -7.57
CA THR A 46 29.68 -13.65 -7.52
C THR A 46 30.88 -13.50 -6.63
N GLY A 47 31.30 -14.58 -5.99
CA GLY A 47 32.51 -14.56 -5.15
C GLY A 47 32.32 -14.50 -3.64
N TYR A 48 31.09 -14.74 -3.17
CA TYR A 48 30.86 -14.89 -1.73
C TYR A 48 31.31 -16.23 -1.17
N ARG A 49 31.80 -16.20 0.06
CA ARG A 49 31.86 -17.42 0.84
C ARG A 49 30.45 -17.52 1.47
N VAL A 50 29.92 -18.75 1.61
CA VAL A 50 28.58 -18.94 2.13
C VAL A 50 28.40 -19.95 3.27
N VAL A 51 27.53 -19.62 4.22
CA VAL A 51 27.00 -20.56 5.18
C VAL A 51 25.67 -21.09 4.70
N ILE A 52 25.58 -22.40 4.53
CA ILE A 52 24.35 -23.05 4.03
C ILE A 52 23.63 -23.58 5.24
N HIS A 53 22.72 -22.77 5.77
CA HIS A 53 21.90 -23.19 6.88
C HIS A 53 20.79 -24.10 6.43
N TYR A 54 20.51 -25.10 7.25
CA TYR A 54 19.54 -26.12 6.89
C TYR A 54 18.86 -26.62 8.18
N HIS A 55 17.74 -27.30 8.05
CA HIS A 55 17.05 -27.76 9.28
C HIS A 55 17.08 -29.28 9.23
N ASN A 56 16.28 -29.88 8.37
CA ASN A 56 16.24 -31.31 8.19
C ASN A 56 17.00 -31.86 7.01
N SER A 57 17.24 -31.06 5.96
CA SER A 57 17.84 -31.58 4.71
C SER A 57 19.36 -31.59 4.69
N ALA A 58 19.93 -32.44 5.54
CA ALA A 58 21.38 -32.49 5.78
C ALA A 58 22.15 -32.99 4.59
N GLU A 59 21.58 -33.98 3.90
CA GLU A 59 22.25 -34.55 2.75
C GLU A 59 22.37 -33.50 1.62
N ALA A 60 21.27 -32.79 1.36
CA ALA A 60 21.22 -31.81 0.30
C ALA A 60 22.14 -30.66 0.63
N ALA A 61 22.17 -30.29 1.92
CA ALA A 61 23.04 -29.25 2.43
C ALA A 61 24.52 -29.56 2.16
N VAL A 62 25.02 -30.70 2.63
CA VAL A 62 26.44 -31.06 2.45
C VAL A 62 26.72 -31.36 0.99
N SER A 63 25.74 -31.91 0.28
CA SER A 63 26.00 -32.14 -1.10
C SER A 63 26.27 -30.81 -1.79
N LEU A 64 25.49 -29.76 -1.45
CA LEU A 64 25.69 -28.44 -2.05
C LEU A 64 27.03 -27.80 -1.63
N ALA A 65 27.38 -27.89 -0.34
CA ALA A 65 28.60 -27.29 0.16
C ALA A 65 29.80 -27.95 -0.52
N ASP A 66 29.67 -29.25 -0.83
CA ASP A 66 30.70 -30.00 -1.58
C ASP A 66 30.88 -29.44 -2.98
N GLU A 67 29.80 -29.36 -3.76
CA GLU A 67 29.90 -28.79 -5.12
C GLU A 67 30.60 -27.45 -5.09
N LEU A 68 30.19 -26.64 -4.14
CA LEU A 68 30.75 -25.30 -4.00
C LEU A 68 32.20 -25.32 -3.58
N ASN A 69 32.57 -26.22 -2.66
CA ASN A 69 33.97 -26.26 -2.24
C ASN A 69 34.90 -26.90 -3.31
N LYS A 70 34.34 -27.76 -4.18
CA LYS A 70 35.08 -28.30 -5.32
C LYS A 70 35.42 -27.17 -6.27
N GLU A 71 34.62 -26.11 -6.20
CA GLU A 71 34.77 -24.98 -7.10
C GLU A 71 35.76 -23.97 -6.52
N ARG A 72 35.67 -23.67 -5.23
CA ARG A 72 36.73 -22.97 -4.55
C ARG A 72 36.74 -23.56 -3.17
N SER A 73 37.87 -24.11 -2.73
CA SER A 73 37.82 -24.82 -1.47
C SER A 73 37.83 -23.87 -0.30
N ASN A 74 37.30 -24.34 0.83
CA ASN A 74 37.09 -23.54 2.06
C ASN A 74 36.21 -22.30 1.82
N THR A 75 35.19 -22.46 1.00
CA THR A 75 34.26 -21.35 0.75
C THR A 75 32.79 -21.63 1.03
N ALA A 76 32.42 -22.87 1.40
CA ALA A 76 31.08 -23.15 1.89
C ALA A 76 31.14 -24.02 3.16
N VAL A 77 30.35 -23.68 4.17
CA VAL A 77 30.10 -24.59 5.29
C VAL A 77 28.59 -24.76 5.42
N VAL A 78 28.14 -25.87 6.02
CA VAL A 78 26.76 -26.03 6.38
C VAL A 78 26.55 -25.64 7.86
N CYS A 79 25.32 -25.37 8.30
CA CYS A 79 25.01 -25.07 9.72
C CYS A 79 23.56 -25.45 9.94
N GLN A 80 23.31 -26.39 10.87
CA GLN A 80 21.96 -26.94 11.16
C GLN A 80 21.33 -26.15 12.25
N ALA A 81 20.04 -25.81 12.11
CA ALA A 81 19.32 -25.14 13.20
C ALA A 81 17.82 -25.17 12.95
N ASP A 82 17.06 -25.45 14.00
CA ASP A 82 15.63 -25.37 13.96
C ASP A 82 15.30 -23.93 14.21
N LEU A 83 14.49 -23.28 13.36
CA LEU A 83 14.14 -21.85 13.63
C LEU A 83 12.70 -21.63 14.08
N THR A 84 12.09 -22.68 14.62
CA THR A 84 10.87 -22.62 15.38
C THR A 84 11.10 -21.73 16.54
N ASN A 85 10.08 -20.95 16.89
CA ASN A 85 10.23 -20.04 18.02
C ASN A 85 10.29 -20.90 19.29
N SER A 86 11.15 -20.56 20.24
CA SER A 86 11.27 -21.21 21.56
C SER A 86 12.10 -20.25 22.38
N ASN A 87 12.34 -20.55 23.65
CA ASN A 87 13.20 -19.65 24.43
C ASN A 87 14.68 -19.74 24.08
N VAL A 88 15.09 -20.75 23.34
CA VAL A 88 16.50 -20.78 22.90
C VAL A 88 16.67 -20.35 21.44
N LEU A 89 15.59 -19.97 20.75
CA LEU A 89 15.73 -19.48 19.39
C LEU A 89 16.74 -18.32 19.36
N PRO A 90 16.67 -17.42 20.32
CA PRO A 90 17.70 -16.38 20.25
C PRO A 90 19.15 -16.90 20.22
N ALA A 91 19.49 -17.87 21.08
CA ALA A 91 20.82 -18.55 21.05
C ALA A 91 21.08 -19.16 19.74
N SER A 92 20.12 -19.90 19.23
CA SER A 92 20.29 -20.59 17.93
C SER A 92 20.60 -19.65 16.78
N CYS A 93 19.96 -18.47 16.78
CA CYS A 93 20.15 -17.53 15.69
C CYS A 93 21.51 -16.91 15.86
N GLU A 94 21.86 -16.59 17.10
CA GLU A 94 23.21 -16.10 17.38
C GLU A 94 24.29 -17.10 16.92
N GLU A 95 24.07 -18.37 17.15
CA GLU A 95 25.04 -19.38 16.75
C GLU A 95 25.16 -19.43 15.23
N ILE A 96 24.07 -19.17 14.51
CA ILE A 96 24.11 -19.10 13.05
C ILE A 96 25.07 -17.99 12.62
N ILE A 97 24.94 -16.85 13.22
CA ILE A 97 25.81 -15.77 12.83
C ILE A 97 27.25 -16.11 13.24
N ASN A 98 27.38 -16.73 14.41
CA ASN A 98 28.68 -17.10 14.91
C ASN A 98 29.30 -18.08 13.98
N SER A 99 28.52 -18.97 13.34
CA SER A 99 29.11 -19.97 12.45
C SER A 99 29.75 -19.30 11.22
N CYS A 100 29.24 -18.11 10.86
CA CYS A 100 29.73 -17.48 9.65
C CYS A 100 31.08 -16.84 10.00
N PHE A 101 31.13 -16.13 11.12
CA PHE A 101 32.41 -15.62 11.63
C PHE A 101 33.43 -16.74 11.96
N ARG A 102 33.00 -17.86 12.46
CA ARG A 102 33.93 -18.93 12.73
C ARG A 102 34.60 -19.41 11.46
N ALA A 103 33.81 -19.61 10.42
CA ALA A 103 34.38 -20.20 9.22
C ALA A 103 35.18 -19.18 8.45
N PHE A 104 34.71 -17.93 8.42
CA PHE A 104 35.16 -17.02 7.38
C PHE A 104 35.66 -15.70 7.87
N GLY A 105 35.58 -15.41 9.16
CA GLY A 105 36.10 -14.15 9.73
C GLY A 105 35.30 -12.87 9.56
N ARG A 106 34.11 -13.01 8.95
CA ARG A 106 33.23 -11.86 8.69
C ARG A 106 31.87 -12.36 8.32
N CYS A 107 30.91 -11.45 8.32
CA CYS A 107 29.58 -11.79 7.84
C CYS A 107 29.01 -10.52 7.22
N ASP A 108 28.91 -10.53 5.90
CA ASP A 108 28.52 -9.34 5.13
C ASP A 108 27.05 -9.32 4.75
N VAL A 109 26.49 -10.51 4.51
CA VAL A 109 25.15 -10.65 3.95
C VAL A 109 24.42 -11.69 4.78
N LEU A 110 23.14 -11.41 5.01
CA LEU A 110 22.20 -12.35 5.64
C LEU A 110 20.98 -12.42 4.75
N VAL A 111 20.63 -13.61 4.29
CA VAL A 111 19.42 -13.82 3.53
C VAL A 111 18.46 -14.71 4.32
N ASN A 112 17.32 -14.15 4.71
CA ASN A 112 16.27 -14.88 5.36
C ASN A 112 15.29 -15.53 4.41
N ASN A 113 15.57 -16.83 4.15
CA ASN A 113 14.86 -17.59 3.19
C ASN A 113 14.03 -18.67 3.82
N ALA A 114 14.52 -19.28 4.91
CA ALA A 114 13.81 -20.39 5.60
C ALA A 114 12.38 -19.98 5.93
N SER A 115 11.46 -20.93 5.80
CA SER A 115 10.03 -20.62 5.98
C SER A 115 9.26 -21.95 6.08
N ALA A 116 8.41 -22.07 7.12
CA ALA A 116 7.41 -23.13 7.17
C ALA A 116 6.10 -22.62 6.61
N PHE A 117 5.33 -23.49 5.96
CA PHE A 117 4.09 -23.06 5.38
C PHE A 117 3.12 -24.25 5.30
N TYR A 118 1.92 -24.02 5.80
CA TYR A 118 0.87 -24.99 5.73
C TYR A 118 -0.36 -24.25 6.20
N PRO A 119 -1.54 -24.80 5.89
CA PRO A 119 -2.78 -24.20 6.32
C PRO A 119 -2.97 -24.24 7.84
N THR A 120 -3.68 -23.25 8.34
CA THR A 120 -4.09 -23.21 9.74
C THR A 120 -5.51 -22.63 9.76
N PRO A 121 -6.51 -23.46 9.43
CA PRO A 121 -7.84 -22.89 9.29
C PRO A 121 -8.32 -22.28 10.60
N LEU A 122 -9.06 -21.19 10.51
CA LEU A 122 -9.65 -20.60 11.70
C LEU A 122 -10.86 -21.38 12.23
N VAL A 123 -11.50 -22.17 11.38
CA VAL A 123 -12.64 -23.02 11.82
C VAL A 123 -12.36 -24.49 11.52
N GLN A 124 -12.49 -25.36 12.53
CA GLN A 124 -11.95 -26.75 12.52
C GLN A 124 -13.02 -27.85 12.55
N GLY A 133 -2.35 -34.19 13.48
CA GLY A 133 -1.58 -32.97 13.24
C GLY A 133 -1.05 -32.30 14.52
N LYS A 134 -0.58 -31.07 14.35
CA LYS A 134 0.09 -30.32 15.42
C LYS A 134 -0.87 -29.51 16.24
N THR A 135 -0.44 -29.12 17.42
CA THR A 135 -1.19 -28.19 18.25
C THR A 135 -1.02 -26.79 17.66
N VAL A 136 -1.88 -25.88 18.11
CA VAL A 136 -1.94 -24.57 17.55
C VAL A 136 -0.70 -23.81 18.08
N GLU A 137 -0.27 -24.14 19.30
CA GLU A 137 0.87 -23.50 19.91
C GLU A 137 2.03 -23.86 19.02
N THR A 138 2.02 -25.06 18.43
CA THR A 138 3.17 -25.48 17.64
C THR A 138 3.12 -24.77 16.28
N GLN A 139 1.93 -24.74 15.70
CA GLN A 139 1.71 -24.04 14.44
C GLN A 139 2.14 -22.56 14.59
N VAL A 140 1.76 -21.90 15.68
CA VAL A 140 2.28 -20.56 15.93
C VAL A 140 3.80 -20.50 15.96
N ALA A 141 4.41 -21.28 16.82
CA ALA A 141 5.85 -21.34 16.95
C ALA A 141 6.57 -21.55 15.61
N GLU A 142 6.05 -22.43 14.76
CA GLU A 142 6.74 -22.74 13.52
C GLU A 142 6.48 -21.73 12.44
N LEU A 143 5.21 -21.37 12.25
CA LEU A 143 4.87 -20.44 11.17
C LEU A 143 5.34 -19.04 11.53
N ILE A 144 5.09 -18.58 12.74
CA ILE A 144 5.57 -17.25 13.10
C ILE A 144 7.12 -17.23 13.32
N GLY A 145 7.65 -18.25 14.01
CA GLY A 145 9.08 -18.34 14.27
C GLY A 145 9.92 -18.33 12.99
N THR A 146 9.60 -19.17 12.00
CA THR A 146 10.48 -19.25 10.81
C THR A 146 10.35 -18.04 9.92
N ASN A 147 9.11 -17.61 9.71
CA ASN A 147 8.84 -16.48 8.82
C ASN A 147 9.12 -15.11 9.42
N ALA A 148 9.24 -15.04 10.72
CA ALA A 148 9.32 -13.70 11.34
C ALA A 148 10.22 -13.55 12.52
N ILE A 149 10.13 -14.40 13.54
CA ILE A 149 10.88 -14.17 14.77
C ILE A 149 12.37 -14.48 14.53
N ALA A 150 12.63 -15.55 13.85
CA ALA A 150 14.02 -15.93 13.52
C ALA A 150 14.67 -14.90 12.63
N PRO A 151 13.92 -14.43 11.59
CA PRO A 151 14.50 -13.26 10.92
C PRO A 151 14.85 -12.08 11.81
N PHE A 152 14.04 -11.77 12.80
CA PHE A 152 14.34 -10.66 13.73
C PHE A 152 15.56 -10.96 14.60
N LEU A 153 15.59 -12.14 15.16
CA LEU A 153 16.73 -12.51 15.98
C LEU A 153 18.01 -12.54 15.15
N LEU A 154 17.96 -13.11 13.97
CA LEU A 154 19.15 -13.15 13.11
C LEU A 154 19.62 -11.78 12.72
N THR A 155 18.65 -10.88 12.47
CA THR A 155 18.95 -9.46 12.24
C THR A 155 19.65 -8.84 13.45
N MET A 156 19.14 -9.07 14.67
CA MET A 156 19.78 -8.50 15.86
C MET A 156 21.21 -9.01 15.92
N SER A 157 21.37 -10.31 15.68
CA SER A 157 22.65 -10.94 15.83
C SER A 157 23.63 -10.43 14.79
N PHE A 158 23.16 -10.38 13.56
CA PHE A 158 23.98 -9.85 12.46
C PHE A 158 24.51 -8.48 12.82
N ALA A 159 23.61 -7.63 13.25
CA ALA A 159 23.95 -6.25 13.46
C ALA A 159 24.87 -6.09 14.65
N GLN A 160 24.58 -6.84 15.72
CA GLN A 160 25.38 -6.83 16.93
C GLN A 160 26.81 -7.27 16.61
N ARG A 161 27.03 -8.20 15.69
CA ARG A 161 28.42 -8.60 15.38
C ARG A 161 29.26 -7.54 14.65
N GLN A 162 28.63 -6.57 14.00
CA GLN A 162 29.39 -5.49 13.37
C GLN A 162 29.44 -4.33 14.36
N SER A 172 33.29 -1.96 2.98
CA SER A 172 32.25 -2.99 2.84
C SER A 172 30.81 -2.52 2.46
N ASN A 173 29.95 -3.54 2.27
CA ASN A 173 28.61 -3.38 1.73
C ASN A 173 27.74 -4.37 2.50
N LEU A 174 27.37 -4.01 3.72
CA LEU A 174 26.56 -4.92 4.60
C LEU A 174 25.07 -4.83 4.25
N SER A 175 24.42 -5.97 4.00
CA SER A 175 22.96 -5.94 3.83
C SER A 175 22.24 -7.25 4.15
N ILE A 176 20.95 -7.10 4.36
CA ILE A 176 20.06 -8.18 4.66
C ILE A 176 18.98 -8.18 3.61
N VAL A 177 18.57 -9.37 3.17
CA VAL A 177 17.49 -9.55 2.20
C VAL A 177 16.53 -10.63 2.80
N ASN A 178 15.27 -10.25 2.93
CA ASN A 178 14.16 -11.11 3.42
C ASN A 178 13.32 -11.61 2.29
N LEU A 179 13.02 -12.93 2.24
CA LEU A 179 12.15 -13.51 1.23
C LEU A 179 10.67 -13.35 1.68
N CYS A 180 10.00 -12.38 1.02
CA CYS A 180 8.64 -11.96 1.35
C CYS A 180 7.68 -12.66 0.39
N ASP A 181 6.50 -12.12 0.18
CA ASP A 181 5.44 -12.79 -0.47
C ASP A 181 4.77 -11.62 -1.23
N ALA A 182 4.84 -11.63 -2.57
CA ALA A 182 4.20 -10.61 -3.38
C ALA A 182 2.67 -10.61 -3.17
N MET A 183 2.08 -11.76 -2.84
CA MET A 183 0.64 -11.91 -2.64
C MET A 183 0.20 -11.63 -1.18
N VAL A 184 1.03 -10.97 -0.40
CA VAL A 184 0.78 -10.86 1.03
C VAL A 184 -0.52 -10.13 1.38
N ASP A 185 -0.89 -9.17 0.54
CA ASP A 185 -2.17 -8.45 0.72
C ASP A 185 -3.40 -9.05 0.05
N GLN A 186 -3.22 -10.17 -0.65
CA GLN A 186 -4.29 -11.03 -1.19
C GLN A 186 -4.08 -12.49 -0.69
N PRO A 187 -4.42 -12.75 0.56
CA PRO A 187 -3.91 -13.94 1.23
C PRO A 187 -4.56 -15.24 0.71
N CYS A 188 -3.88 -16.37 0.77
CA CYS A 188 -4.52 -17.67 0.39
C CYS A 188 -5.50 -18.12 1.45
N MET A 189 -6.53 -18.82 1.02
CA MET A 189 -7.59 -19.17 1.94
C MET A 189 -7.03 -20.11 3.01
N ALA A 190 -7.40 -19.89 4.27
CA ALA A 190 -6.92 -20.65 5.44
C ALA A 190 -5.41 -20.67 5.77
N PHE A 191 -4.68 -19.65 5.33
CA PHE A 191 -3.22 -19.53 5.65
C PHE A 191 -2.95 -18.40 6.59
N SER A 192 -3.88 -18.14 7.49
CA SER A 192 -3.69 -16.87 8.26
C SER A 192 -2.37 -16.78 9.03
N LEU A 193 -1.90 -17.85 9.67
CA LEU A 193 -0.67 -17.70 10.49
C LEU A 193 0.54 -17.51 9.59
N TYR A 194 0.59 -18.23 8.49
CA TYR A 194 1.68 -18.01 7.52
C TYR A 194 1.65 -16.55 7.06
N ASN A 195 0.46 -16.13 6.69
CA ASN A 195 0.30 -14.78 6.14
C ASN A 195 0.67 -13.70 7.16
N MET A 196 0.28 -13.91 8.43
CA MET A 196 0.69 -13.02 9.53
C MET A 196 2.21 -12.91 9.67
N GLY A 197 2.87 -14.04 9.45
CA GLY A 197 4.31 -14.11 9.48
C GLY A 197 4.97 -13.31 8.37
N LYS A 198 4.47 -13.44 7.16
CA LYS A 198 4.99 -12.67 5.98
C LYS A 198 4.68 -11.20 6.12
N HIS A 199 3.55 -10.85 6.77
CA HIS A 199 3.31 -9.45 7.07
C HIS A 199 4.28 -8.91 8.07
N ALA A 200 4.57 -9.70 9.12
CA ALA A 200 5.46 -9.26 10.14
C ALA A 200 6.85 -9.10 9.56
N LEU A 201 7.17 -9.94 8.58
CA LEU A 201 8.47 -9.88 7.89
C LEU A 201 8.57 -8.60 7.07
N VAL A 202 7.42 -8.07 6.61
CA VAL A 202 7.45 -6.75 5.99
C VAL A 202 7.77 -5.70 7.05
N GLY A 203 7.05 -5.75 8.16
CA GLY A 203 7.33 -4.84 9.29
C GLY A 203 8.78 -4.82 9.65
N LEU A 204 9.37 -5.99 9.76
CA LEU A 204 10.76 -6.06 10.17
C LEU A 204 11.68 -5.40 9.10
N THR A 205 11.42 -5.75 7.84
CA THR A 205 12.20 -5.22 6.70
C THR A 205 12.23 -3.70 6.86
N GLN A 206 11.06 -3.11 7.07
CA GLN A 206 10.93 -1.68 7.20
C GLN A 206 11.57 -1.15 8.47
N SER A 207 11.26 -1.75 9.61
CA SER A 207 11.80 -1.32 10.88
C SER A 207 13.32 -1.41 10.95
N ALA A 208 13.87 -2.53 10.52
CA ALA A 208 15.30 -2.72 10.53
C ALA A 208 16.04 -1.83 9.54
N ALA A 209 15.42 -1.57 8.40
CA ALA A 209 16.04 -0.71 7.43
C ALA A 209 16.24 0.70 8.11
N LEU A 210 15.26 1.16 8.83
CA LEU A 210 15.34 2.43 9.49
C LEU A 210 16.38 2.42 10.58
N GLU A 211 16.36 1.40 11.46
CA GLU A 211 17.23 1.39 12.63
C GLU A 211 18.66 1.05 12.27
N LEU A 212 18.90 0.29 11.21
CA LEU A 212 20.27 -0.19 10.91
C LEU A 212 20.99 0.65 9.87
N ALA A 213 20.25 1.55 9.23
CA ALA A 213 20.82 2.56 8.33
C ALA A 213 22.04 3.26 8.90
N PRO A 214 21.96 3.77 10.13
CA PRO A 214 23.17 4.41 10.69
C PRO A 214 24.43 3.56 10.68
N TYR A 215 24.27 2.24 10.70
CA TYR A 215 25.38 1.30 10.61
C TYR A 215 25.81 0.95 9.18
N GLY A 216 25.13 1.48 8.18
CA GLY A 216 25.47 1.19 6.81
C GLY A 216 24.94 -0.17 6.48
N ILE A 217 24.01 -0.70 7.29
CA ILE A 217 23.40 -1.99 6.99
C ILE A 217 22.03 -1.80 6.27
N ARG A 218 21.94 -2.22 5.03
CA ARG A 218 20.72 -2.13 4.25
C ARG A 218 19.86 -3.37 4.47
N VAL A 219 18.54 -3.17 4.50
CA VAL A 219 17.57 -4.21 4.66
C VAL A 219 16.50 -4.07 3.62
N ASN A 220 16.32 -5.08 2.80
CA ASN A 220 15.42 -5.00 1.69
C ASN A 220 14.76 -6.34 1.61
N GLY A 221 13.77 -6.47 0.75
CA GLY A 221 13.13 -7.79 0.58
C GLY A 221 12.96 -8.16 -0.87
N VAL A 222 12.75 -9.45 -1.10
CA VAL A 222 12.41 -9.98 -2.45
C VAL A 222 11.16 -10.80 -2.28
N ALA A 223 10.13 -10.46 -3.09
CA ALA A 223 8.81 -10.99 -2.92
C ALA A 223 8.44 -11.73 -4.19
N PRO A 224 8.70 -13.02 -4.20
CA PRO A 224 8.12 -13.85 -5.24
C PRO A 224 6.60 -13.89 -5.28
N GLY A 225 6.09 -14.25 -6.45
CA GLY A 225 4.70 -14.53 -6.64
C GLY A 225 4.50 -16.01 -6.46
N VAL A 226 4.36 -16.74 -7.56
CA VAL A 226 4.72 -18.14 -7.55
C VAL A 226 6.06 -18.37 -8.22
N SER A 227 6.89 -19.15 -7.56
CA SER A 227 8.15 -19.56 -8.12
C SER A 227 8.06 -21.10 -8.09
N LEU A 228 9.14 -21.74 -7.74
CA LEU A 228 9.12 -23.18 -7.68
C LEU A 228 7.96 -23.67 -6.82
N LEU A 229 7.12 -24.54 -7.36
CA LEU A 229 5.96 -24.93 -6.59
C LEU A 229 6.38 -26.12 -5.73
N PRO A 230 5.58 -26.42 -4.69
CA PRO A 230 6.02 -27.40 -3.75
C PRO A 230 6.04 -28.79 -4.36
N VAL A 231 7.03 -29.58 -3.90
CA VAL A 231 7.16 -30.98 -4.34
C VAL A 231 5.84 -31.73 -4.13
N ALA A 232 5.11 -31.41 -3.06
CA ALA A 232 3.79 -32.01 -2.78
C ALA A 232 2.72 -31.73 -3.82
N MET A 233 2.87 -30.65 -4.56
CA MET A 233 1.80 -30.21 -5.43
C MET A 233 1.80 -31.05 -6.72
N GLY A 234 0.59 -31.44 -7.16
CA GLY A 234 0.40 -32.19 -8.41
C GLY A 234 0.55 -31.25 -9.58
N GLU A 235 0.89 -31.78 -10.75
CA GLU A 235 1.06 -30.94 -11.94
C GLU A 235 -0.23 -30.13 -12.22
N GLU A 236 -1.41 -30.70 -11.95
CA GLU A 236 -2.65 -30.04 -12.36
C GLU A 236 -2.88 -28.76 -11.57
N GLU A 237 -2.57 -28.82 -10.29
CA GLU A 237 -2.63 -27.66 -9.41
C GLU A 237 -1.49 -26.66 -9.67
N LYS A 238 -0.29 -27.14 -10.00
CA LYS A 238 0.79 -26.23 -10.46
C LYS A 238 0.31 -25.42 -11.67
N ASP A 239 -0.33 -26.09 -12.62
CA ASP A 239 -0.74 -25.49 -13.90
C ASP A 239 -1.82 -24.45 -13.68
N LYS A 240 -2.65 -24.71 -12.68
CA LYS A 240 -3.69 -23.74 -12.28
C LYS A 240 -3.06 -22.44 -11.85
N TRP A 241 -1.98 -22.49 -11.09
CA TRP A 241 -1.24 -21.28 -10.69
C TRP A 241 -0.44 -20.61 -11.83
N ARG A 242 0.28 -21.44 -12.57
CA ARG A 242 0.97 -21.03 -13.78
C ARG A 242 0.09 -20.18 -14.69
N ARG A 243 -1.09 -20.70 -15.01
CA ARG A 243 -2.04 -20.01 -15.86
C ARG A 243 -2.48 -18.63 -15.39
N LYS A 244 -2.31 -18.32 -14.12
CA LYS A 244 -2.63 -16.99 -13.58
C LYS A 244 -1.57 -15.90 -13.86
N VAL A 245 -0.33 -16.32 -14.17
CA VAL A 245 0.72 -15.38 -14.33
C VAL A 245 0.71 -14.66 -15.67
N PRO A 246 0.48 -13.35 -15.67
CA PRO A 246 0.50 -12.61 -16.96
C PRO A 246 1.77 -12.80 -17.79
N LEU A 247 2.94 -12.64 -17.16
CA LEU A 247 4.20 -12.72 -17.89
C LEU A 247 4.62 -14.15 -18.16
N GLY A 248 4.10 -14.72 -19.22
CA GLY A 248 4.49 -16.03 -19.61
C GLY A 248 3.68 -17.19 -19.11
N ARG A 249 2.69 -16.97 -18.27
CA ARG A 249 1.91 -18.08 -17.72
C ARG A 249 2.80 -19.18 -17.15
N ARG A 250 3.83 -18.79 -16.42
CA ARG A 250 4.67 -19.74 -15.75
C ARG A 250 5.22 -19.10 -14.49
N GLU A 251 5.70 -19.95 -13.60
CA GLU A 251 6.32 -19.54 -12.32
C GLU A 251 7.74 -18.97 -12.48
N ALA A 252 8.23 -18.11 -11.58
CA ALA A 252 9.66 -17.77 -11.53
C ALA A 252 10.53 -19.04 -11.36
N SER A 253 11.65 -19.08 -12.10
CA SER A 253 12.71 -20.03 -11.84
C SER A 253 13.37 -19.60 -10.51
N ALA A 254 14.12 -20.47 -9.88
CA ALA A 254 14.75 -20.11 -8.64
C ALA A 254 15.82 -19.13 -8.94
N GLU A 255 16.41 -19.25 -10.12
CA GLU A 255 17.44 -18.32 -10.48
C GLU A 255 16.91 -16.88 -10.58
N GLN A 256 15.71 -16.78 -11.11
CA GLN A 256 15.10 -15.44 -11.32
C GLN A 256 14.89 -14.71 -9.98
N ILE A 257 14.56 -15.44 -8.91
CA ILE A 257 14.45 -14.85 -7.56
C ILE A 257 15.84 -14.47 -7.05
N ALA A 258 16.78 -15.39 -7.19
CA ALA A 258 18.15 -15.16 -6.75
C ALA A 258 18.74 -13.96 -7.48
N ASP A 259 18.39 -13.76 -8.74
CA ASP A 259 18.92 -12.59 -9.46
C ASP A 259 18.57 -11.28 -8.74
N ALA A 260 17.37 -11.19 -8.19
CA ALA A 260 16.97 -9.97 -7.52
C ALA A 260 17.63 -9.80 -6.14
N VAL A 261 17.82 -10.91 -5.43
CA VAL A 261 18.64 -10.90 -4.22
C VAL A 261 20.06 -10.37 -4.45
N ILE A 262 20.66 -10.87 -5.52
CA ILE A 262 22.00 -10.49 -5.97
C ILE A 262 22.05 -9.03 -6.35
N PHE A 263 21.03 -8.57 -7.05
CA PHE A 263 20.93 -7.14 -7.25
C PHE A 263 20.98 -6.41 -5.95
N LEU A 264 20.14 -6.81 -4.98
CA LEU A 264 19.97 -5.99 -3.79
C LEU A 264 21.21 -5.99 -2.94
N VAL A 265 21.99 -7.06 -2.98
CA VAL A 265 23.21 -7.04 -2.14
C VAL A 265 24.34 -6.30 -2.82
N SER A 266 24.23 -6.02 -4.13
CA SER A 266 25.33 -5.51 -4.92
C SER A 266 25.60 -4.04 -4.73
N GLY A 267 26.72 -3.60 -5.27
CA GLY A 267 27.12 -2.16 -5.29
C GLY A 267 26.09 -1.33 -6.08
N SER A 268 25.37 -1.95 -7.00
CA SER A 268 24.36 -1.30 -7.79
C SER A 268 23.10 -0.88 -6.99
N ALA A 269 22.88 -1.40 -5.76
CA ALA A 269 21.72 -1.08 -4.93
C ALA A 269 22.14 -0.41 -3.61
N GLN A 270 23.28 0.26 -3.64
CA GLN A 270 23.88 0.96 -2.52
C GLN A 270 23.05 1.99 -1.80
N TYR A 271 22.04 2.55 -2.47
CA TYR A 271 21.20 3.55 -1.85
C TYR A 271 19.81 2.99 -1.51
N ILE A 272 19.62 1.69 -1.80
CA ILE A 272 18.36 1.03 -1.62
C ILE A 272 18.30 0.32 -0.26
N THR A 273 17.27 0.65 0.47
CA THR A 273 16.98 0.11 1.77
C THR A 273 15.53 0.34 2.10
N GLY A 274 14.91 -0.67 2.69
CA GLY A 274 13.48 -0.72 2.93
C GLY A 274 12.59 -1.02 1.73
N SER A 275 13.20 -1.37 0.61
CA SER A 275 12.43 -1.65 -0.59
C SER A 275 12.22 -3.10 -0.67
N ILE A 276 11.03 -3.48 -1.10
CA ILE A 276 10.69 -4.86 -1.33
C ILE A 276 10.33 -4.98 -2.80
N ILE A 277 11.14 -5.72 -3.53
CA ILE A 277 10.99 -5.94 -4.93
C ILE A 277 10.15 -7.22 -5.24
N LYS A 278 8.95 -7.04 -5.82
CA LYS A 278 8.23 -8.18 -6.32
C LYS A 278 8.99 -8.76 -7.53
N VAL A 279 9.08 -10.09 -7.52
CA VAL A 279 9.46 -10.89 -8.67
C VAL A 279 8.34 -11.88 -8.92
N ASP A 280 7.25 -11.34 -9.47
CA ASP A 280 6.00 -12.06 -9.55
C ASP A 280 5.35 -12.14 -10.94
N GLY A 281 6.04 -11.65 -11.98
CA GLY A 281 5.53 -11.57 -13.33
C GLY A 281 4.13 -10.98 -13.46
N GLY A 282 3.79 -10.01 -12.61
CA GLY A 282 2.44 -9.43 -12.68
C GLY A 282 1.32 -10.12 -11.92
N LEU A 283 1.55 -11.30 -11.32
CA LEU A 283 0.53 -12.02 -10.52
C LEU A 283 -0.28 -11.22 -9.50
N SER A 284 0.38 -10.42 -8.64
CA SER A 284 -0.28 -9.62 -7.64
C SER A 284 -1.15 -8.53 -8.26
N LEU A 285 -0.97 -8.26 -9.54
CA LEU A 285 -1.83 -7.26 -10.19
C LEU A 285 -3.11 -7.81 -10.72
N VAL A 286 -3.26 -9.13 -10.73
CA VAL A 286 -4.45 -9.76 -11.35
C VAL A 286 -5.62 -9.87 -10.36
N HIS A 287 -6.76 -9.29 -10.69
CA HIS A 287 -7.95 -9.38 -9.83
C HIS A 287 -8.64 -10.77 -9.91
N ALA A 288 -9.54 -11.01 -8.96
CA ALA A 288 -10.21 -12.28 -8.88
C ALA A 288 -10.92 -12.55 -10.19
N GLU B 22 21.01 -4.91 -34.44
CA GLU B 22 22.28 -5.38 -33.78
C GLU B 22 22.29 -5.08 -32.24
N ALA B 23 22.75 -3.89 -31.85
CA ALA B 23 22.59 -3.36 -30.50
C ALA B 23 21.12 -2.95 -30.24
N PRO B 24 20.62 -3.17 -28.99
CA PRO B 24 19.25 -2.68 -28.67
C PRO B 24 19.24 -1.17 -28.63
N ALA B 25 18.04 -0.56 -28.65
CA ALA B 25 17.84 0.91 -28.63
C ALA B 25 16.90 1.38 -27.45
N ALA B 26 17.23 2.50 -26.80
CA ALA B 26 16.36 3.06 -25.77
C ALA B 26 15.99 4.52 -26.03
N VAL B 27 14.75 4.88 -25.66
CA VAL B 27 14.31 6.26 -25.55
C VAL B 27 14.27 6.68 -24.08
N VAL B 28 14.92 7.79 -23.80
CA VAL B 28 14.86 8.43 -22.51
C VAL B 28 14.30 9.86 -22.66
N THR B 29 13.19 10.12 -22.02
CA THR B 29 12.59 11.46 -22.11
C THR B 29 13.24 12.32 -21.04
N GLY B 30 13.34 13.60 -21.30
CA GLY B 30 14.03 14.51 -20.42
C GLY B 30 15.44 14.05 -20.16
N ALA B 31 16.10 13.59 -21.22
CA ALA B 31 17.46 13.00 -21.09
C ALA B 31 18.67 13.97 -21.20
N ALA B 32 18.43 15.29 -21.21
CA ALA B 32 19.51 16.22 -21.45
C ALA B 32 20.32 16.56 -20.22
N LYS B 33 19.66 16.52 -19.07
CA LYS B 33 20.29 16.81 -17.78
C LYS B 33 19.85 15.81 -16.67
N ARG B 34 20.60 15.92 -15.56
CA ARG B 34 20.26 15.38 -14.23
C ARG B 34 19.98 13.87 -14.35
N ILE B 35 18.88 13.39 -13.80
CA ILE B 35 18.64 11.96 -13.78
C ILE B 35 18.57 11.31 -15.15
N GLY B 36 17.83 11.93 -16.08
CA GLY B 36 17.61 11.34 -17.37
C GLY B 36 18.90 11.15 -18.15
N ARG B 37 19.76 12.14 -18.02
CA ARG B 37 21.06 12.10 -18.62
C ARG B 37 21.85 10.95 -18.09
N ALA B 38 21.78 10.72 -16.78
CA ALA B 38 22.62 9.71 -16.13
C ALA B 38 22.12 8.40 -16.59
N ILE B 39 20.81 8.30 -16.76
CA ILE B 39 20.16 7.08 -17.27
C ILE B 39 20.56 6.83 -18.71
N ALA B 40 20.58 7.89 -19.51
CA ALA B 40 20.95 7.71 -20.90
C ALA B 40 22.42 7.29 -21.00
N VAL B 41 23.26 7.91 -20.18
CA VAL B 41 24.67 7.54 -20.21
C VAL B 41 24.86 6.06 -19.86
N LYS B 42 24.18 5.57 -18.84
CA LYS B 42 24.42 4.23 -18.40
C LYS B 42 23.86 3.22 -19.36
N LEU B 43 22.72 3.56 -19.93
CA LEU B 43 22.18 2.66 -20.99
C LEU B 43 23.18 2.58 -22.14
N HIS B 44 23.67 3.71 -22.57
CA HIS B 44 24.70 3.75 -23.60
C HIS B 44 25.96 2.91 -23.19
N GLN B 45 26.51 3.18 -22.01
CA GLN B 45 27.60 2.38 -21.47
C GLN B 45 27.27 0.91 -21.44
N THR B 46 26.00 0.54 -21.36
CA THR B 46 25.61 -0.88 -21.33
C THR B 46 25.51 -1.46 -22.70
N GLY B 47 25.54 -0.62 -23.74
CA GLY B 47 25.51 -1.04 -25.13
C GLY B 47 24.25 -0.66 -25.91
N TYR B 48 23.34 0.12 -25.30
CA TYR B 48 22.19 0.61 -26.04
C TYR B 48 22.61 1.78 -26.91
N ARG B 49 21.92 1.85 -28.05
CA ARG B 49 21.80 3.14 -28.75
C ARG B 49 20.67 3.96 -28.13
N VAL B 50 20.83 5.29 -28.09
CA VAL B 50 19.86 6.12 -27.40
C VAL B 50 19.26 7.26 -28.21
N VAL B 51 17.95 7.43 -28.01
CA VAL B 51 17.27 8.67 -28.33
C VAL B 51 17.19 9.52 -27.06
N ILE B 52 17.85 10.65 -27.15
CA ILE B 52 17.87 11.62 -26.08
C ILE B 52 16.75 12.63 -26.31
N HIS B 53 15.58 12.48 -25.65
CA HIS B 53 14.47 13.44 -25.83
C HIS B 53 14.79 14.61 -24.95
N TYR B 54 14.36 15.80 -25.36
CA TYR B 54 14.58 17.04 -24.61
C TYR B 54 13.47 18.06 -24.98
N HIS B 55 13.18 19.00 -24.10
CA HIS B 55 12.18 20.05 -24.37
C HIS B 55 12.85 21.41 -24.67
N ASN B 56 13.34 22.09 -23.65
CA ASN B 56 14.08 23.32 -23.79
C ASN B 56 15.60 23.16 -23.84
N SER B 57 16.17 22.07 -23.30
CA SER B 57 17.64 21.98 -23.17
C SER B 57 18.37 21.41 -24.43
N ALA B 58 18.26 22.10 -25.55
CA ALA B 58 18.89 21.66 -26.79
C ALA B 58 20.38 21.53 -26.65
N GLU B 59 20.99 22.49 -25.98
CA GLU B 59 22.41 22.52 -25.95
C GLU B 59 23.02 21.37 -25.13
N ALA B 60 22.42 21.01 -23.99
CA ALA B 60 22.87 19.88 -23.23
C ALA B 60 22.55 18.56 -23.92
N ALA B 61 21.39 18.51 -24.56
CA ALA B 61 21.00 17.30 -25.33
C ALA B 61 22.02 16.94 -26.42
N VAL B 62 22.24 17.92 -27.28
CA VAL B 62 23.21 17.83 -28.35
C VAL B 62 24.63 17.47 -27.83
N SER B 63 25.06 18.17 -26.78
CA SER B 63 26.38 17.95 -26.27
C SER B 63 26.52 16.55 -25.69
N LEU B 64 25.48 16.03 -25.06
CA LEU B 64 25.50 14.62 -24.68
C LEU B 64 25.57 13.69 -25.90
N ALA B 65 24.76 13.95 -26.92
CA ALA B 65 24.75 13.09 -28.10
C ALA B 65 26.12 13.11 -28.76
N ASP B 66 26.80 14.26 -28.69
CA ASP B 66 28.16 14.35 -29.22
C ASP B 66 29.16 13.49 -28.42
N GLU B 67 29.09 13.60 -27.08
CA GLU B 67 29.93 12.81 -26.17
C GLU B 67 29.71 11.32 -26.47
N LEU B 68 28.46 10.92 -26.57
CA LEU B 68 28.14 9.51 -26.79
C LEU B 68 28.55 9.01 -28.17
N ASN B 69 28.32 9.79 -29.23
CA ASN B 69 28.74 9.34 -30.58
C ASN B 69 30.27 9.30 -30.79
N LYS B 70 30.99 10.09 -30.01
CA LYS B 70 32.40 10.01 -29.87
C LYS B 70 32.80 8.67 -29.30
N GLU B 71 32.06 8.12 -28.32
CA GLU B 71 32.33 6.72 -27.89
C GLU B 71 32.05 5.69 -28.97
N ARG B 72 30.89 5.78 -29.57
CA ARG B 72 30.52 4.81 -30.56
C ARG B 72 29.79 5.60 -31.57
N SER B 73 30.36 5.68 -32.74
CA SER B 73 29.72 6.37 -33.84
C SER B 73 28.31 5.93 -34.07
N ASN B 74 27.40 6.90 -34.25
CA ASN B 74 26.03 6.65 -34.71
C ASN B 74 25.17 5.85 -33.74
N THR B 75 25.36 6.11 -32.47
CA THR B 75 24.59 5.45 -31.42
C THR B 75 23.74 6.41 -30.55
N ALA B 76 23.84 7.74 -30.76
CA ALA B 76 22.98 8.73 -30.08
C ALA B 76 22.30 9.73 -31.06
N VAL B 77 20.99 9.92 -30.89
CA VAL B 77 20.25 11.00 -31.57
C VAL B 77 19.43 11.78 -30.57
N VAL B 78 19.07 13.00 -30.92
CA VAL B 78 18.33 13.85 -30.02
C VAL B 78 17.02 14.09 -30.67
N CYS B 79 16.03 14.44 -29.86
CA CYS B 79 14.63 14.48 -30.33
C CYS B 79 13.80 15.39 -29.45
N GLN B 80 13.47 16.57 -29.97
CA GLN B 80 12.77 17.60 -29.19
C GLN B 80 11.23 17.46 -29.20
N ALA B 81 10.62 17.65 -28.05
CA ALA B 81 9.16 17.65 -27.94
C ALA B 81 8.65 18.16 -26.59
N ASP B 82 7.58 18.95 -26.63
CA ASP B 82 6.91 19.41 -25.45
C ASP B 82 5.96 18.29 -25.16
N LEU B 83 5.93 17.88 -23.89
CA LEU B 83 5.14 16.72 -23.47
C LEU B 83 3.91 17.14 -22.66
N THR B 84 3.58 18.45 -22.71
CA THR B 84 2.38 19.05 -22.15
C THR B 84 1.18 18.44 -22.79
N ASN B 85 0.15 18.18 -22.02
CA ASN B 85 -1.08 17.60 -22.62
C ASN B 85 -1.71 18.62 -23.62
N SER B 86 -2.10 18.15 -24.80
CA SER B 86 -2.81 18.93 -25.80
C SER B 86 -3.36 17.97 -26.82
N ASN B 87 -4.07 18.52 -27.80
CA ASN B 87 -4.52 17.81 -28.98
C ASN B 87 -3.39 17.20 -29.82
N VAL B 88 -2.21 17.78 -29.77
CA VAL B 88 -1.11 17.24 -30.54
C VAL B 88 -0.22 16.25 -29.78
N LEU B 89 -0.54 15.97 -28.55
CA LEU B 89 0.43 15.24 -27.71
C LEU B 89 0.59 13.84 -28.20
N PRO B 90 -0.51 13.16 -28.57
CA PRO B 90 -0.39 11.79 -29.14
C PRO B 90 0.44 11.72 -30.40
N ALA B 91 0.47 12.77 -31.22
CA ALA B 91 1.31 12.74 -32.42
C ALA B 91 2.73 12.92 -32.02
N SER B 92 2.99 13.93 -31.19
CA SER B 92 4.31 14.08 -30.68
C SER B 92 4.85 12.78 -30.09
N CYS B 93 4.05 12.07 -29.31
CA CYS B 93 4.57 10.85 -28.67
C CYS B 93 4.80 9.73 -29.66
N GLU B 94 3.88 9.53 -30.58
CA GLU B 94 4.18 8.68 -31.74
C GLU B 94 5.46 9.10 -32.44
N GLU B 95 5.66 10.39 -32.63
CA GLU B 95 6.94 10.82 -33.28
C GLU B 95 8.22 10.50 -32.53
N ILE B 96 8.20 10.59 -31.19
CA ILE B 96 9.39 10.23 -30.40
C ILE B 96 9.72 8.74 -30.61
N ILE B 97 8.74 7.87 -30.50
CA ILE B 97 8.97 6.44 -30.73
C ILE B 97 9.51 6.22 -32.16
N ASN B 98 8.78 6.74 -33.14
CA ASN B 98 9.13 6.57 -34.57
C ASN B 98 10.52 6.99 -34.84
N SER B 99 10.98 8.06 -34.19
CA SER B 99 12.32 8.49 -34.41
C SER B 99 13.34 7.43 -33.94
N CYS B 100 13.03 6.67 -32.90
CA CYS B 100 13.98 5.66 -32.46
C CYS B 100 14.09 4.57 -33.54
N PHE B 101 12.95 4.23 -34.13
CA PHE B 101 12.90 3.28 -35.22
C PHE B 101 13.64 3.79 -36.47
N ARG B 102 13.50 5.07 -36.78
CA ARG B 102 14.21 5.68 -37.92
C ARG B 102 15.74 5.72 -37.74
N ALA B 103 16.15 6.13 -36.55
CA ALA B 103 17.52 6.07 -36.19
C ALA B 103 18.05 4.65 -36.05
N PHE B 104 17.35 3.70 -35.42
CA PHE B 104 18.04 2.45 -35.05
C PHE B 104 17.41 1.16 -35.53
N GLY B 105 16.26 1.23 -36.18
CA GLY B 105 15.63 0.04 -36.68
C GLY B 105 14.86 -0.74 -35.64
N ARG B 106 14.89 -0.26 -34.40
CA ARG B 106 14.27 -0.95 -33.28
C ARG B 106 14.07 0.01 -32.11
N CYS B 107 13.19 -0.39 -31.20
CA CYS B 107 12.95 0.32 -29.95
C CYS B 107 12.71 -0.74 -28.88
N ASP B 108 13.70 -0.93 -28.01
CA ASP B 108 13.68 -2.03 -27.06
C ASP B 108 13.22 -1.58 -25.68
N VAL B 109 13.58 -0.35 -25.33
CA VAL B 109 13.39 0.22 -24.00
C VAL B 109 12.91 1.69 -24.09
N LEU B 110 11.89 1.99 -23.27
CA LEU B 110 11.32 3.31 -23.07
C LEU B 110 11.50 3.69 -21.60
N VAL B 111 12.11 4.86 -21.36
CA VAL B 111 12.19 5.39 -20.02
C VAL B 111 11.45 6.73 -19.97
N ASN B 112 10.44 6.78 -19.13
CA ASN B 112 9.63 7.97 -18.91
C ASN B 112 10.13 8.73 -17.72
N ASN B 113 10.94 9.71 -18.00
CA ASN B 113 11.68 10.44 -16.99
C ASN B 113 11.30 11.90 -16.91
N ALA B 114 10.93 12.48 -18.07
CA ALA B 114 10.62 13.89 -18.12
C ALA B 114 9.43 14.19 -17.22
N SER B 115 9.50 15.36 -16.59
CA SER B 115 8.57 15.73 -15.58
C SER B 115 8.64 17.21 -15.25
N ALA B 116 7.47 17.85 -15.22
CA ALA B 116 7.32 19.20 -14.66
C ALA B 116 6.97 19.04 -13.19
N PHE B 117 7.42 19.98 -12.39
CA PHE B 117 7.37 19.91 -10.96
C PHE B 117 7.35 21.31 -10.43
N TYR B 118 6.26 21.73 -9.80
CA TYR B 118 6.14 23.03 -9.11
C TYR B 118 4.85 23.03 -8.32
N PRO B 119 4.77 23.88 -7.29
CA PRO B 119 3.58 23.92 -6.46
C PRO B 119 2.32 24.33 -7.21
N THR B 120 1.17 23.77 -6.85
CA THR B 120 -0.11 24.23 -7.38
C THR B 120 -1.07 24.30 -6.19
N PRO B 121 -1.00 25.39 -5.43
CA PRO B 121 -1.83 25.43 -4.25
C PRO B 121 -3.30 25.41 -4.53
N LEU B 122 -4.02 24.80 -3.61
CA LEU B 122 -5.45 24.73 -3.63
C LEU B 122 -6.14 26.05 -3.25
N VAL B 123 -5.51 26.81 -2.37
CA VAL B 123 -6.06 28.09 -1.96
C VAL B 123 -5.04 29.22 -2.07
N GLN B 124 -5.54 30.44 -2.33
CA GLN B 124 -4.73 31.61 -2.65
C GLN B 124 -4.61 32.54 -1.45
N GLY B 133 2.63 33.20 -13.40
CA GLY B 133 1.48 33.70 -14.15
C GLY B 133 0.68 32.62 -14.88
N LYS B 134 1.01 31.33 -14.69
CA LYS B 134 0.35 30.25 -15.44
C LYS B 134 -1.06 30.08 -14.97
N THR B 135 -1.99 29.83 -15.88
CA THR B 135 -3.36 29.50 -15.50
C THR B 135 -3.48 28.05 -15.07
N VAL B 136 -4.61 27.70 -14.46
CA VAL B 136 -4.69 26.39 -13.83
C VAL B 136 -4.87 25.31 -14.88
N GLU B 137 -5.53 25.66 -15.98
CA GLU B 137 -5.65 24.71 -17.05
C GLU B 137 -4.24 24.46 -17.61
N THR B 138 -3.31 25.42 -17.47
CA THR B 138 -1.95 25.18 -18.02
C THR B 138 -1.16 24.31 -17.11
N GLN B 139 -1.32 24.56 -15.82
CA GLN B 139 -0.69 23.75 -14.80
C GLN B 139 -1.10 22.26 -14.91
N VAL B 140 -2.41 22.05 -15.06
CA VAL B 140 -2.98 20.73 -15.30
C VAL B 140 -2.31 20.04 -16.48
N ALA B 141 -2.31 20.74 -17.62
CA ALA B 141 -1.71 20.25 -18.82
C ALA B 141 -0.25 19.94 -18.61
N GLU B 142 0.52 20.79 -17.94
CA GLU B 142 1.98 20.51 -17.86
C GLU B 142 2.31 19.39 -16.85
N LEU B 143 1.76 19.51 -15.65
CA LEU B 143 2.03 18.54 -14.58
C LEU B 143 1.40 17.15 -14.84
N ILE B 144 0.16 17.13 -15.35
CA ILE B 144 -0.47 15.87 -15.67
C ILE B 144 0.01 15.32 -16.98
N GLY B 145 0.13 16.19 -17.98
CA GLY B 145 0.70 15.76 -19.29
C GLY B 145 2.08 15.10 -19.14
N THR B 146 3.04 15.77 -18.52
CA THR B 146 4.40 15.24 -18.45
C THR B 146 4.51 14.00 -17.56
N ASN B 147 3.90 14.06 -16.37
CA ASN B 147 4.05 12.97 -15.40
C ASN B 147 3.17 11.78 -15.67
N ALA B 148 2.11 11.93 -16.45
CA ALA B 148 1.20 10.83 -16.67
C ALA B 148 0.72 10.61 -18.08
N ILE B 149 0.30 11.66 -18.75
CA ILE B 149 -0.41 11.42 -20.01
C ILE B 149 0.58 11.07 -21.14
N ALA B 150 1.65 11.82 -21.19
CA ALA B 150 2.73 11.53 -22.12
C ALA B 150 3.32 10.12 -21.89
N PRO B 151 3.56 9.75 -20.61
CA PRO B 151 3.95 8.38 -20.41
C PRO B 151 3.00 7.35 -20.99
N PHE B 152 1.71 7.55 -20.86
CA PHE B 152 0.71 6.64 -21.40
C PHE B 152 0.73 6.60 -22.92
N LEU B 153 0.79 7.75 -23.57
CA LEU B 153 0.81 7.82 -25.02
C LEU B 153 2.10 7.20 -25.55
N LEU B 154 3.23 7.52 -24.93
CA LEU B 154 4.50 6.87 -25.31
C LEU B 154 4.42 5.35 -25.18
N THR B 155 3.76 4.85 -24.13
CA THR B 155 3.57 3.43 -23.97
C THR B 155 2.74 2.83 -25.06
N MET B 156 1.66 3.48 -25.42
CA MET B 156 0.86 2.88 -26.50
C MET B 156 1.56 2.94 -27.83
N SER B 157 2.25 4.02 -28.16
CA SER B 157 3.06 4.08 -29.37
C SER B 157 4.16 3.02 -29.35
N PHE B 158 4.80 2.83 -28.19
CA PHE B 158 5.83 1.81 -28.04
C PHE B 158 5.27 0.45 -28.35
N ALA B 159 4.16 0.10 -27.72
CA ALA B 159 3.56 -1.22 -27.86
C ALA B 159 3.05 -1.43 -29.26
N GLN B 160 2.36 -0.42 -29.79
CA GLN B 160 1.85 -0.51 -31.14
C GLN B 160 2.95 -0.95 -32.10
N ARG B 161 4.11 -0.33 -31.95
CA ARG B 161 5.25 -0.60 -32.82
C ARG B 161 5.91 -1.93 -32.63
N GLN B 162 5.68 -2.61 -31.51
CA GLN B 162 6.22 -3.98 -31.35
C GLN B 162 5.33 -4.99 -32.05
N LYS B 163 4.19 -5.30 -31.42
CA LYS B 163 3.14 -6.19 -31.94
C LYS B 163 3.58 -7.21 -33.01
N SER B 172 15.45 -10.84 -27.46
CA SER B 172 14.88 -9.50 -27.24
C SER B 172 14.22 -9.36 -25.85
N ASN B 173 14.50 -8.23 -25.21
CA ASN B 173 14.09 -7.95 -23.86
C ASN B 173 13.48 -6.56 -23.82
N LEU B 174 12.19 -6.49 -24.12
CA LEU B 174 11.48 -5.22 -24.17
C LEU B 174 10.87 -4.85 -22.81
N SER B 175 11.15 -3.64 -22.36
CA SER B 175 10.57 -3.16 -21.12
C SER B 175 10.46 -1.61 -21.10
N ILE B 176 9.72 -1.12 -20.09
CA ILE B 176 9.45 0.28 -19.90
C ILE B 176 9.74 0.55 -18.43
N VAL B 177 10.46 1.61 -18.16
CA VAL B 177 10.73 2.02 -16.79
C VAL B 177 10.13 3.41 -16.71
N ASN B 178 9.23 3.60 -15.75
CA ASN B 178 8.71 4.91 -15.37
C ASN B 178 9.33 5.43 -14.13
N LEU B 179 9.69 6.71 -14.15
CA LEU B 179 10.25 7.37 -12.99
C LEU B 179 9.13 7.87 -12.08
N CYS B 180 8.90 7.14 -10.97
CA CYS B 180 7.85 7.43 -9.99
C CYS B 180 8.47 8.26 -8.86
N ASP B 181 7.93 8.13 -7.66
CA ASP B 181 8.19 9.00 -6.57
C ASP B 181 7.95 8.10 -5.32
N ALA B 182 9.00 7.88 -4.52
CA ALA B 182 8.92 7.09 -3.28
C ALA B 182 7.98 7.70 -2.27
N MET B 183 7.90 9.01 -2.30
CA MET B 183 7.12 9.78 -1.36
C MET B 183 5.67 10.04 -1.77
N VAL B 184 5.17 9.33 -2.78
CA VAL B 184 3.87 9.61 -3.37
C VAL B 184 2.69 9.56 -2.39
N ASP B 185 2.87 8.89 -1.25
CA ASP B 185 1.85 8.81 -0.23
C ASP B 185 2.07 9.64 0.97
N GLN B 186 3.15 10.41 0.90
CA GLN B 186 3.44 11.44 1.86
C GLN B 186 3.82 12.70 1.04
N PRO B 187 2.85 13.28 0.39
CA PRO B 187 3.14 14.30 -0.60
C PRO B 187 3.62 15.62 0.00
N CYS B 188 4.38 16.37 -0.79
CA CYS B 188 4.82 17.72 -0.36
C CYS B 188 3.61 18.61 -0.34
N MET B 189 3.62 19.53 0.58
CA MET B 189 2.49 20.46 0.75
C MET B 189 2.29 21.26 -0.54
N ALA B 190 1.05 21.29 -1.05
CA ALA B 190 0.71 22.20 -2.15
C ALA B 190 1.25 21.77 -3.52
N PHE B 191 1.56 20.48 -3.67
CA PHE B 191 1.93 19.83 -4.95
C PHE B 191 0.85 18.87 -5.42
N SER B 192 -0.42 19.23 -5.26
CA SER B 192 -1.39 18.22 -5.55
C SER B 192 -1.38 17.74 -7.00
N LEU B 193 -1.16 18.65 -7.97
CA LEU B 193 -1.22 18.24 -9.39
C LEU B 193 -0.05 17.36 -9.74
N TYR B 194 1.13 17.81 -9.36
CA TYR B 194 2.35 16.93 -9.43
C TYR B 194 2.05 15.54 -8.82
N ASN B 195 1.54 15.55 -7.59
CA ASN B 195 1.30 14.28 -6.88
C ASN B 195 0.28 13.44 -7.58
N MET B 196 -0.71 14.11 -8.15
CA MET B 196 -1.77 13.37 -8.82
C MET B 196 -1.19 12.70 -10.07
N GLY B 197 -0.29 13.41 -10.76
CA GLY B 197 0.38 12.81 -11.90
C GLY B 197 1.21 11.58 -11.60
N LYS B 198 1.96 11.65 -10.53
CA LYS B 198 2.78 10.51 -10.10
C LYS B 198 1.97 9.34 -9.61
N HIS B 199 0.82 9.62 -8.99
CA HIS B 199 -0.09 8.58 -8.62
C HIS B 199 -0.65 7.96 -9.86
N ALA B 200 -1.02 8.78 -10.85
CA ALA B 200 -1.52 8.24 -12.12
C ALA B 200 -0.45 7.39 -12.79
N LEU B 201 0.78 7.80 -12.61
CA LEU B 201 1.90 7.07 -13.21
C LEU B 201 2.10 5.67 -12.57
N VAL B 202 1.72 5.50 -11.32
CA VAL B 202 1.79 4.20 -10.66
C VAL B 202 0.72 3.36 -11.33
N GLY B 203 -0.46 3.93 -11.51
CA GLY B 203 -1.57 3.15 -12.09
C GLY B 203 -1.23 2.68 -13.49
N LEU B 204 -0.61 3.56 -14.27
CA LEU B 204 -0.15 3.18 -15.60
C LEU B 204 0.90 2.09 -15.55
N THR B 205 1.85 2.21 -14.63
CA THR B 205 2.86 1.18 -14.49
C THR B 205 2.17 -0.17 -14.28
N GLN B 206 1.24 -0.27 -13.31
CA GLN B 206 0.51 -1.53 -13.09
C GLN B 206 -0.39 -1.94 -14.24
N SER B 207 -1.21 -1.02 -14.73
CA SER B 207 -2.08 -1.31 -15.87
C SER B 207 -1.33 -1.78 -17.10
N ALA B 208 -0.30 -1.04 -17.50
CA ALA B 208 0.47 -1.45 -18.69
C ALA B 208 1.16 -2.78 -18.45
N ALA B 209 1.71 -2.98 -17.24
CA ALA B 209 2.38 -4.29 -16.97
C ALA B 209 1.45 -5.45 -17.27
N LEU B 210 0.20 -5.32 -16.85
CA LEU B 210 -0.76 -6.40 -16.99
C LEU B 210 -1.14 -6.58 -18.49
N GLU B 211 -1.50 -5.48 -19.11
CA GLU B 211 -1.96 -5.47 -20.51
C GLU B 211 -0.87 -5.85 -21.57
N LEU B 212 0.37 -5.49 -21.32
CA LEU B 212 1.46 -5.77 -22.28
C LEU B 212 2.30 -7.03 -22.00
N ALA B 213 1.96 -7.70 -20.89
CA ALA B 213 2.67 -8.92 -20.52
C ALA B 213 2.58 -9.95 -21.65
N PRO B 214 1.40 -10.12 -22.27
CA PRO B 214 1.36 -11.07 -23.41
C PRO B 214 2.27 -10.75 -24.56
N TYR B 215 2.69 -9.51 -24.75
CA TYR B 215 3.67 -9.16 -25.77
C TYR B 215 5.10 -9.29 -25.27
N GLY B 216 5.30 -9.76 -24.03
CA GLY B 216 6.66 -9.81 -23.41
C GLY B 216 7.30 -8.45 -23.16
N ILE B 217 6.47 -7.40 -23.03
CA ILE B 217 6.99 -6.11 -22.63
C ILE B 217 6.70 -6.04 -21.16
N ARG B 218 7.75 -5.78 -20.38
CA ARG B 218 7.68 -5.53 -18.93
C ARG B 218 7.62 -4.04 -18.69
N VAL B 219 6.97 -3.68 -17.59
CA VAL B 219 6.70 -2.31 -17.23
C VAL B 219 6.87 -2.16 -15.73
N ASN B 220 7.83 -1.31 -15.35
CA ASN B 220 8.22 -1.17 -13.98
C ASN B 220 8.53 0.29 -13.64
N GLY B 221 8.74 0.55 -12.38
CA GLY B 221 9.13 1.89 -11.94
C GLY B 221 10.40 2.01 -11.14
N VAL B 222 10.98 3.21 -11.14
CA VAL B 222 12.00 3.57 -10.19
C VAL B 222 11.47 4.83 -9.51
N ALA B 223 11.59 4.82 -8.17
CA ALA B 223 10.90 5.73 -7.32
C ALA B 223 11.93 6.31 -6.42
N PRO B 224 12.67 7.34 -6.88
CA PRO B 224 13.60 8.04 -6.02
C PRO B 224 12.90 8.70 -4.88
N GLY B 225 13.67 9.01 -3.83
CA GLY B 225 13.18 9.78 -2.71
C GLY B 225 13.62 11.24 -2.83
N VAL B 226 14.81 11.60 -2.34
CA VAL B 226 15.50 12.77 -2.87
C VAL B 226 16.75 12.35 -3.56
N SER B 227 16.94 12.93 -4.74
CA SER B 227 18.12 12.71 -5.53
C SER B 227 18.70 14.08 -5.83
N LEU B 228 19.34 14.23 -6.95
CA LEU B 228 19.93 15.50 -7.34
C LEU B 228 19.00 16.62 -6.94
N LEU B 229 19.48 17.51 -6.09
CA LEU B 229 18.66 18.58 -5.61
C LEU B 229 18.94 19.79 -6.51
N PRO B 230 17.96 20.69 -6.69
CA PRO B 230 18.25 21.92 -7.47
C PRO B 230 19.54 22.64 -7.03
N VAL B 231 20.51 22.78 -7.95
CA VAL B 231 21.80 23.42 -7.62
C VAL B 231 21.57 24.82 -7.07
N ALA B 232 20.54 25.48 -7.61
CA ALA B 232 20.07 26.79 -7.12
C ALA B 232 19.65 26.86 -5.63
N MET B 233 19.00 25.77 -5.15
CA MET B 233 18.50 25.74 -3.77
C MET B 233 19.65 25.97 -2.80
N GLY B 234 19.40 26.77 -1.79
CA GLY B 234 20.37 26.95 -0.72
C GLY B 234 20.75 25.60 -0.11
N GLU B 235 22.05 25.43 0.11
CA GLU B 235 22.61 24.29 0.77
C GLU B 235 21.99 24.08 2.12
N GLU B 236 21.65 25.17 2.80
CA GLU B 236 21.06 25.06 4.12
C GLU B 236 19.71 24.36 4.02
N GLU B 237 18.95 24.66 2.95
CA GLU B 237 17.66 24.00 2.71
C GLU B 237 17.89 22.58 2.23
N LYS B 238 18.97 22.39 1.47
CA LYS B 238 19.30 21.05 0.93
C LYS B 238 19.62 20.12 2.05
N ASP B 239 20.30 20.66 3.06
CA ASP B 239 20.75 19.89 4.19
C ASP B 239 19.58 19.41 5.05
N LYS B 240 18.52 20.21 5.17
CA LYS B 240 17.32 19.80 5.90
C LYS B 240 16.77 18.52 5.30
N TRP B 241 16.77 18.40 3.98
CA TRP B 241 16.33 17.17 3.35
C TRP B 241 17.33 16.03 3.49
N ARG B 242 18.63 16.33 3.33
CA ARG B 242 19.66 15.28 3.41
C ARG B 242 19.65 14.64 4.79
N ARG B 243 19.58 15.48 5.81
CA ARG B 243 19.55 15.08 7.21
C ARG B 243 18.43 14.12 7.58
N LYS B 244 17.35 14.11 6.81
CA LYS B 244 16.24 13.20 7.05
C LYS B 244 16.47 11.79 6.50
N VAL B 245 17.50 11.59 5.69
CA VAL B 245 17.63 10.32 4.99
C VAL B 245 18.41 9.35 5.89
N PRO B 246 17.75 8.27 6.33
CA PRO B 246 18.39 7.32 7.20
C PRO B 246 19.75 6.87 6.72
N LEU B 247 19.83 6.46 5.46
CA LEU B 247 20.99 5.87 4.90
C LEU B 247 21.95 6.91 4.32
N GLY B 248 22.88 7.33 5.14
CA GLY B 248 23.96 8.20 4.72
C GLY B 248 23.68 9.68 4.98
N ARG B 249 22.45 10.02 5.39
CA ARG B 249 22.05 11.42 5.53
C ARG B 249 22.41 12.21 4.24
N ARG B 250 22.10 11.66 3.08
CA ARG B 250 22.30 12.38 1.83
C ARG B 250 21.37 11.90 0.73
N GLU B 251 21.32 12.73 -0.31
CA GLU B 251 20.52 12.47 -1.47
C GLU B 251 21.19 11.46 -2.35
N ALA B 252 20.40 10.73 -3.13
CA ALA B 252 20.91 9.82 -4.16
C ALA B 252 21.56 10.56 -5.28
N SER B 253 22.65 9.97 -5.79
CA SER B 253 23.22 10.42 -7.04
C SER B 253 22.26 10.08 -8.16
N ALA B 254 22.38 10.80 -9.25
CA ALA B 254 21.61 10.45 -10.41
C ALA B 254 22.05 9.07 -10.87
N GLU B 255 23.33 8.78 -10.66
CA GLU B 255 23.85 7.47 -11.03
C GLU B 255 23.21 6.32 -10.25
N GLN B 256 22.95 6.57 -8.96
CA GLN B 256 22.26 5.59 -8.16
C GLN B 256 20.86 5.29 -8.62
N ILE B 257 20.13 6.32 -9.04
CA ILE B 257 18.82 6.08 -9.68
C ILE B 257 19.01 5.29 -10.96
N ALA B 258 20.04 5.65 -11.74
CA ALA B 258 20.28 5.03 -13.02
C ALA B 258 20.57 3.54 -12.89
N ASP B 259 21.26 3.17 -11.82
CA ASP B 259 21.56 1.76 -11.56
C ASP B 259 20.35 0.82 -11.49
N ALA B 260 19.26 1.31 -10.90
CA ALA B 260 18.00 0.55 -10.72
C ALA B 260 17.24 0.41 -12.04
N VAL B 261 17.35 1.44 -12.88
CA VAL B 261 16.85 1.42 -14.23
C VAL B 261 17.60 0.35 -15.05
N ILE B 262 18.93 0.34 -14.92
CA ILE B 262 19.74 -0.66 -15.59
C ILE B 262 19.38 -2.08 -15.14
N PHE B 263 19.20 -2.27 -13.83
CA PHE B 263 18.75 -3.58 -13.33
C PHE B 263 17.45 -3.95 -13.99
N LEU B 264 16.50 -3.00 -14.05
CA LEU B 264 15.17 -3.35 -14.48
C LEU B 264 15.06 -3.66 -15.97
N VAL B 265 15.93 -3.08 -16.79
CA VAL B 265 15.88 -3.43 -18.21
C VAL B 265 16.76 -4.68 -18.53
N SER B 266 17.56 -5.18 -17.57
CA SER B 266 18.58 -6.21 -17.80
C SER B 266 17.91 -7.54 -17.87
N GLY B 267 18.66 -8.53 -18.34
CA GLY B 267 18.20 -9.93 -18.38
C GLY B 267 18.04 -10.57 -17.02
N SER B 268 18.47 -9.87 -15.98
CA SER B 268 18.35 -10.30 -14.58
C SER B 268 17.04 -9.87 -13.96
N ALA B 269 16.19 -9.14 -14.71
CA ALA B 269 14.86 -8.73 -14.25
C ALA B 269 13.75 -9.25 -15.16
N GLN B 270 14.02 -10.31 -15.88
CA GLN B 270 13.04 -10.79 -16.88
C GLN B 270 11.69 -11.32 -16.41
N TYR B 271 11.50 -11.51 -15.12
CA TYR B 271 10.26 -11.99 -14.58
C TYR B 271 9.62 -10.86 -13.77
N ILE B 272 10.34 -9.76 -13.67
CA ILE B 272 9.85 -8.59 -12.98
C ILE B 272 9.00 -7.63 -13.85
N THR B 273 7.78 -7.36 -13.40
CA THR B 273 6.87 -6.44 -14.11
C THR B 273 5.77 -6.05 -13.14
N GLY B 274 5.44 -4.79 -13.21
CA GLY B 274 4.55 -4.15 -12.27
C GLY B 274 5.20 -3.76 -10.96
N SER B 275 6.50 -3.68 -10.93
CA SER B 275 7.19 -3.42 -9.68
C SER B 275 7.74 -2.03 -9.68
N ILE B 276 7.78 -1.41 -8.49
CA ILE B 276 8.32 -0.10 -8.33
C ILE B 276 9.34 -0.13 -7.22
N ILE B 277 10.58 0.10 -7.62
CA ILE B 277 11.67 -0.02 -6.76
C ILE B 277 11.96 1.32 -6.16
N LYS B 278 11.79 1.41 -4.86
CA LYS B 278 12.18 2.63 -4.19
C LYS B 278 13.69 2.69 -4.18
N VAL B 279 14.25 3.79 -4.64
CA VAL B 279 15.66 4.12 -4.42
C VAL B 279 15.75 5.35 -3.56
N ASP B 280 15.53 5.16 -2.25
CA ASP B 280 15.30 6.32 -1.37
C ASP B 280 16.04 6.39 -0.06
N GLY B 281 16.99 5.50 0.15
CA GLY B 281 17.74 5.55 1.40
C GLY B 281 16.86 5.43 2.64
N GLY B 282 15.67 4.82 2.48
CA GLY B 282 14.74 4.69 3.58
C GLY B 282 13.94 5.93 3.93
N LEU B 283 14.08 6.99 3.12
CA LEU B 283 13.36 8.25 3.40
C LEU B 283 11.85 8.08 3.57
N SER B 284 11.20 7.23 2.75
CA SER B 284 9.79 7.02 2.81
C SER B 284 9.30 6.31 4.09
N LEU B 285 10.23 5.68 4.81
CA LEU B 285 9.95 4.99 6.12
C LEU B 285 9.99 5.89 7.35
N VAL B 286 10.32 7.14 7.14
CA VAL B 286 10.53 8.11 8.24
C VAL B 286 9.23 8.90 8.56
N HIS B 287 8.72 8.74 9.78
CA HIS B 287 7.53 9.44 10.19
C HIS B 287 7.88 10.90 10.44
N ALA B 288 6.85 11.73 10.55
CA ALA B 288 7.03 13.19 10.75
C ALA B 288 7.70 13.48 12.07
N GLU C 22 -33.51 -10.03 21.93
CA GLU C 22 -32.41 -9.88 22.93
C GLU C 22 -31.30 -8.93 22.37
N ALA C 23 -30.54 -8.30 23.26
CA ALA C 23 -29.49 -7.37 22.85
C ALA C 23 -28.17 -8.07 22.47
N PRO C 24 -27.43 -7.55 21.48
CA PRO C 24 -26.18 -8.25 21.13
C PRO C 24 -25.14 -8.06 22.21
N ALA C 25 -24.10 -8.91 22.22
CA ALA C 25 -22.94 -8.75 23.14
C ALA C 25 -21.60 -8.64 22.42
N ALA C 26 -20.67 -7.96 23.09
CA ALA C 26 -19.39 -7.63 22.55
C ALA C 26 -18.28 -7.96 23.57
N VAL C 27 -17.16 -8.51 23.09
CA VAL C 27 -15.95 -8.59 23.89
C VAL C 27 -14.97 -7.47 23.49
N VAL C 28 -14.44 -6.77 24.46
CA VAL C 28 -13.40 -5.78 24.24
C VAL C 28 -12.20 -6.08 25.15
N THR C 29 -11.05 -6.32 24.49
CA THR C 29 -9.86 -6.69 25.22
C THR C 29 -9.19 -5.41 25.64
N GLY C 30 -8.51 -5.46 26.78
CA GLY C 30 -7.83 -4.30 27.42
C GLY C 30 -8.79 -3.14 27.51
N ALA C 31 -10.00 -3.44 28.01
CA ALA C 31 -11.09 -2.48 28.12
C ALA C 31 -11.22 -1.71 29.45
N ALA C 32 -10.28 -1.89 30.38
CA ALA C 32 -10.40 -1.19 31.66
C ALA C 32 -10.15 0.33 31.59
N LYS C 33 -9.39 0.73 30.57
CA LYS C 33 -8.85 2.07 30.46
C LYS C 33 -8.76 2.58 29.00
N ARG C 34 -8.71 3.90 28.89
CA ARG C 34 -8.23 4.59 27.72
C ARG C 34 -9.11 4.20 26.51
N ILE C 35 -8.53 3.69 25.43
CA ILE C 35 -9.30 3.54 24.20
C ILE C 35 -10.25 2.39 24.34
N GLY C 36 -9.76 1.31 24.95
CA GLY C 36 -10.60 0.09 25.14
C GLY C 36 -11.80 0.41 26.05
N ARG C 37 -11.58 1.20 27.10
CA ARG C 37 -12.68 1.69 27.91
C ARG C 37 -13.70 2.45 27.07
N ALA C 38 -13.23 3.41 26.27
CA ALA C 38 -14.12 4.26 25.48
C ALA C 38 -14.92 3.44 24.46
N ILE C 39 -14.30 2.38 23.96
CA ILE C 39 -14.95 1.46 23.03
C ILE C 39 -16.07 0.67 23.74
N ALA C 40 -15.76 0.11 24.89
CA ALA C 40 -16.76 -0.61 25.71
C ALA C 40 -17.95 0.28 26.05
N VAL C 41 -17.65 1.50 26.44
CA VAL C 41 -18.69 2.45 26.87
C VAL C 41 -19.63 2.75 25.70
N LYS C 42 -19.07 3.11 24.55
CA LYS C 42 -19.88 3.39 23.39
C LYS C 42 -20.66 2.19 22.91
N LEU C 43 -20.06 1.00 22.95
CA LEU C 43 -20.80 -0.18 22.44
C LEU C 43 -22.00 -0.34 23.36
N HIS C 44 -21.76 -0.04 24.63
CA HIS C 44 -22.78 -0.18 25.66
C HIS C 44 -23.92 0.87 25.51
N GLN C 45 -23.53 2.13 25.33
CA GLN C 45 -24.45 3.21 24.98
C GLN C 45 -25.24 2.86 23.69
N THR C 46 -24.63 2.18 22.74
CA THR C 46 -25.35 1.75 21.55
C THR C 46 -26.30 0.59 21.78
N GLY C 47 -26.29 -0.04 22.96
CA GLY C 47 -27.18 -1.19 23.19
C GLY C 47 -26.54 -2.54 23.41
N TYR C 48 -25.25 -2.67 23.17
CA TYR C 48 -24.52 -3.88 23.53
C TYR C 48 -24.45 -4.18 25.03
N ARG C 49 -24.38 -5.47 25.33
CA ARG C 49 -23.77 -5.90 26.57
C ARG C 49 -22.31 -6.20 26.28
N VAL C 50 -21.47 -5.99 27.28
CA VAL C 50 -20.03 -6.07 27.10
C VAL C 50 -19.32 -6.97 28.11
N VAL C 51 -18.24 -7.57 27.64
CA VAL C 51 -17.29 -8.29 28.45
C VAL C 51 -16.12 -7.35 28.39
N ILE C 52 -15.78 -6.87 29.54
CA ILE C 52 -14.67 -6.02 29.73
C ILE C 52 -13.45 -6.88 30.09
N HIS C 53 -12.56 -7.11 29.13
CA HIS C 53 -11.38 -7.87 29.50
C HIS C 53 -10.28 -6.97 30.03
N TYR C 54 -9.52 -7.54 30.98
CA TYR C 54 -8.39 -6.86 31.65
C TYR C 54 -7.30 -7.89 32.02
N HIS C 55 -6.11 -7.41 32.31
CA HIS C 55 -4.99 -8.25 32.68
C HIS C 55 -4.64 -7.82 34.08
N ASN C 56 -4.01 -6.67 34.22
CA ASN C 56 -3.71 -6.06 35.51
C ASN C 56 -4.69 -5.07 36.14
N SER C 57 -5.55 -4.45 35.35
CA SER C 57 -6.43 -3.40 35.86
C SER C 57 -7.82 -3.90 36.37
N ALA C 58 -7.80 -4.69 37.44
CA ALA C 58 -9.02 -5.29 38.02
C ALA C 58 -9.94 -4.24 38.51
N GLU C 59 -9.35 -3.33 39.25
CA GLU C 59 -10.13 -2.30 39.91
C GLU C 59 -10.83 -1.40 38.92
N ALA C 60 -10.05 -0.89 37.95
CA ALA C 60 -10.62 -0.11 36.84
C ALA C 60 -11.67 -0.91 36.05
N ALA C 61 -11.40 -2.17 35.74
CA ALA C 61 -12.39 -2.98 34.96
C ALA C 61 -13.72 -3.07 35.70
N VAL C 62 -13.61 -3.29 37.01
CA VAL C 62 -14.80 -3.44 37.86
C VAL C 62 -15.60 -2.11 37.98
N SER C 63 -14.92 -1.00 38.23
CA SER C 63 -15.65 0.26 38.33
C SER C 63 -16.31 0.65 37.03
N LEU C 64 -15.73 0.31 35.88
CA LEU C 64 -16.44 0.44 34.60
C LEU C 64 -17.66 -0.45 34.58
N ALA C 65 -17.51 -1.72 34.97
CA ALA C 65 -18.68 -2.59 34.91
C ALA C 65 -19.71 -2.05 35.91
N ASP C 66 -19.28 -1.58 37.07
CA ASP C 66 -20.23 -1.04 38.03
C ASP C 66 -21.00 0.09 37.35
N GLU C 67 -20.28 1.05 36.75
CA GLU C 67 -20.91 2.19 36.10
C GLU C 67 -21.93 1.77 34.99
N LEU C 68 -21.58 0.80 34.13
CA LEU C 68 -22.51 0.33 33.06
C LEU C 68 -23.75 -0.48 33.54
N ASN C 69 -23.57 -1.23 34.61
CA ASN C 69 -24.63 -2.00 35.20
C ASN C 69 -25.55 -1.12 36.03
N LYS C 70 -25.05 0.01 36.53
CA LYS C 70 -25.94 1.03 37.08
C LYS C 70 -26.85 1.60 36.00
N GLU C 71 -26.33 1.82 34.78
CA GLU C 71 -27.17 2.33 33.69
C GLU C 71 -28.16 1.28 33.30
N ARG C 72 -27.67 0.06 33.18
CA ARG C 72 -28.50 -1.02 32.69
C ARG C 72 -28.09 -2.32 33.41
N SER C 73 -29.03 -2.86 34.15
CA SER C 73 -28.75 -3.98 34.98
C SER C 73 -28.30 -5.27 34.22
N ASN C 74 -27.21 -5.88 34.71
CA ASN C 74 -26.66 -7.16 34.16
C ASN C 74 -26.23 -7.06 32.71
N THR C 75 -25.63 -5.93 32.34
CA THR C 75 -25.19 -5.78 30.96
C THR C 75 -23.69 -5.74 30.75
N ALA C 76 -22.92 -5.76 31.86
CA ALA C 76 -21.46 -5.72 31.80
C ALA C 76 -20.83 -6.77 32.74
N VAL C 77 -19.92 -7.62 32.23
CA VAL C 77 -19.12 -8.52 33.07
C VAL C 77 -17.65 -8.28 32.80
N VAL C 78 -16.79 -8.63 33.78
CA VAL C 78 -15.35 -8.59 33.59
C VAL C 78 -14.75 -9.98 33.37
N CYS C 79 -13.58 -10.00 32.75
CA CYS C 79 -12.91 -11.22 32.36
C CYS C 79 -11.41 -10.94 32.36
N GLN C 80 -10.66 -11.70 33.18
CA GLN C 80 -9.24 -11.44 33.38
C GLN C 80 -8.49 -12.42 32.50
N ALA C 81 -7.51 -11.95 31.75
CA ALA C 81 -6.52 -12.86 31.11
C ALA C 81 -5.20 -12.21 30.65
N ASP C 82 -4.07 -12.88 30.91
CA ASP C 82 -2.80 -12.46 30.34
C ASP C 82 -2.88 -12.92 28.87
N LEU C 83 -2.58 -12.02 27.92
CA LEU C 83 -2.59 -12.38 26.48
C LEU C 83 -1.20 -12.55 25.86
N THR C 84 -0.17 -12.57 26.72
CA THR C 84 1.21 -12.99 26.37
C THR C 84 1.19 -14.36 25.68
N ASN C 85 2.01 -14.57 24.65
CA ASN C 85 1.96 -15.88 23.97
C ASN C 85 2.55 -16.94 24.92
N SER C 86 1.91 -18.11 24.93
CA SER C 86 2.33 -19.23 25.77
C SER C 86 1.50 -20.46 25.44
N ASN C 87 1.86 -21.56 26.10
CA ASN C 87 1.15 -22.85 25.92
C ASN C 87 -0.27 -22.80 26.37
N VAL C 88 -0.62 -21.92 27.30
CA VAL C 88 -2.03 -21.77 27.71
C VAL C 88 -2.85 -20.71 26.96
N LEU C 89 -2.21 -19.88 26.14
CA LEU C 89 -2.92 -18.71 25.53
C LEU C 89 -4.14 -19.15 24.78
N PRO C 90 -4.05 -20.26 24.00
CA PRO C 90 -5.22 -20.75 23.33
C PRO C 90 -6.38 -21.01 24.24
N ALA C 91 -6.15 -21.78 25.30
CA ALA C 91 -7.18 -21.94 26.34
C ALA C 91 -7.68 -20.59 26.90
N SER C 92 -6.75 -19.70 27.26
CA SER C 92 -7.17 -18.42 27.79
C SER C 92 -8.15 -17.73 26.86
N CYS C 93 -7.90 -17.77 25.55
CA CYS C 93 -8.63 -17.00 24.59
C CYS C 93 -9.96 -17.65 24.39
N GLU C 94 -10.00 -18.97 24.27
CA GLU C 94 -11.27 -19.69 24.31
C GLU C 94 -12.13 -19.31 25.53
N GLU C 95 -11.50 -19.01 26.65
CA GLU C 95 -12.28 -18.73 27.84
C GLU C 95 -12.81 -17.30 27.79
N ILE C 96 -12.08 -16.37 27.18
CA ILE C 96 -12.62 -15.00 26.98
C ILE C 96 -13.92 -15.11 26.16
N ILE C 97 -13.90 -15.92 25.10
CA ILE C 97 -15.10 -16.01 24.26
C ILE C 97 -16.22 -16.75 25.00
N ASN C 98 -15.89 -17.81 25.71
CA ASN C 98 -16.89 -18.45 26.63
C ASN C 98 -17.51 -17.57 27.68
N SER C 99 -16.76 -16.63 28.24
CA SER C 99 -17.31 -15.76 29.26
C SER C 99 -18.47 -14.98 28.68
N CYS C 100 -18.32 -14.56 27.44
CA CYS C 100 -19.36 -13.77 26.79
C CYS C 100 -20.57 -14.66 26.52
N PHE C 101 -20.35 -15.80 25.92
CA PHE C 101 -21.43 -16.80 25.78
C PHE C 101 -22.09 -17.15 27.14
N ARG C 102 -21.28 -17.27 28.18
CA ARG C 102 -21.85 -17.54 29.49
C ARG C 102 -22.71 -16.43 30.01
N ALA C 103 -22.22 -15.19 29.92
CA ALA C 103 -22.88 -14.12 30.59
C ALA C 103 -24.13 -13.85 29.81
N PHE C 104 -24.03 -13.84 28.49
CA PHE C 104 -25.02 -13.17 27.68
C PHE C 104 -25.69 -14.10 26.67
N GLY C 105 -25.23 -15.34 26.53
CA GLY C 105 -25.90 -16.26 25.55
C GLY C 105 -25.53 -16.13 24.06
N ARG C 106 -24.63 -15.22 23.76
CA ARG C 106 -24.25 -14.92 22.38
C ARG C 106 -22.95 -14.12 22.39
N CYS C 107 -22.29 -14.00 21.23
CA CYS C 107 -21.12 -13.09 21.12
C CYS C 107 -21.14 -12.57 19.69
N ASP C 108 -21.40 -11.29 19.58
CA ASP C 108 -21.63 -10.67 18.27
C ASP C 108 -20.39 -9.97 17.78
N VAL C 109 -19.63 -9.39 18.70
CA VAL C 109 -18.55 -8.52 18.35
C VAL C 109 -17.36 -8.82 19.24
N LEU C 110 -16.18 -8.75 18.60
CA LEU C 110 -14.92 -8.89 19.25
C LEU C 110 -14.10 -7.68 18.86
N VAL C 111 -13.68 -6.91 19.82
CA VAL C 111 -12.71 -5.85 19.60
C VAL C 111 -11.34 -6.20 20.18
N ASN C 112 -10.35 -6.33 19.29
CA ASN C 112 -9.00 -6.69 19.73
C ASN C 112 -8.20 -5.39 19.93
N ASN C 113 -8.20 -4.94 21.18
CA ASN C 113 -7.65 -3.64 21.55
C ASN C 113 -6.44 -3.77 22.41
N ALA C 114 -6.42 -4.79 23.31
CA ALA C 114 -5.29 -5.02 24.25
C ALA C 114 -3.94 -5.01 23.57
N SER C 115 -2.95 -4.36 24.16
CA SER C 115 -1.69 -4.25 23.44
C SER C 115 -0.61 -3.91 24.32
N ALA C 116 0.44 -4.68 24.19
CA ALA C 116 1.68 -4.37 24.88
C ALA C 116 2.59 -3.57 23.91
N PHE C 117 3.41 -2.72 24.47
CA PHE C 117 4.07 -1.76 23.70
C PHE C 117 5.30 -1.19 24.41
N TYR C 118 6.47 -1.42 23.85
CA TYR C 118 7.75 -0.87 24.32
C TYR C 118 8.86 -1.09 23.29
N PRO C 119 9.99 -0.39 23.42
CA PRO C 119 11.05 -0.54 22.45
C PRO C 119 11.82 -1.86 22.60
N THR C 120 12.20 -2.47 21.48
CA THR C 120 13.04 -3.65 21.41
C THR C 120 14.17 -3.40 20.43
N PRO C 121 15.21 -2.61 20.86
CA PRO C 121 16.26 -2.21 19.92
C PRO C 121 17.02 -3.39 19.41
N LEU C 122 17.33 -3.33 18.15
CA LEU C 122 18.02 -4.38 17.51
C LEU C 122 19.50 -4.46 17.97
N VAL C 123 20.08 -3.37 18.46
CA VAL C 123 21.50 -3.35 18.79
C VAL C 123 21.73 -2.80 20.17
N GLN C 124 22.33 -3.64 21.04
CA GLN C 124 22.82 -3.26 22.39
C GLN C 124 24.34 -3.08 22.38
N GLY C 133 16.77 -6.36 32.10
CA GLY C 133 15.32 -6.29 31.85
C GLY C 133 14.79 -7.58 31.23
N LYS C 134 13.57 -7.56 30.67
CA LYS C 134 12.99 -8.72 29.99
C LYS C 134 14.03 -9.37 29.05
N THR C 135 13.97 -10.69 28.91
CA THR C 135 14.75 -11.31 27.89
C THR C 135 14.03 -11.06 26.53
N VAL C 136 14.80 -11.19 25.47
CA VAL C 136 14.23 -11.01 24.16
C VAL C 136 13.09 -11.96 23.93
N GLU C 137 13.20 -13.20 24.39
CA GLU C 137 12.12 -14.18 24.12
C GLU C 137 10.80 -13.85 24.85
N THR C 138 10.91 -13.14 25.99
CA THR C 138 9.76 -12.61 26.75
C THR C 138 9.11 -11.40 25.99
N GLN C 139 9.96 -10.52 25.46
CA GLN C 139 9.51 -9.43 24.59
C GLN C 139 8.73 -9.92 23.35
N VAL C 140 9.25 -10.94 22.71
CA VAL C 140 8.54 -11.60 21.61
C VAL C 140 7.21 -12.05 22.13
N ALA C 141 7.20 -12.85 23.19
CA ALA C 141 5.92 -13.35 23.70
C ALA C 141 4.84 -12.27 24.05
N GLU C 142 5.25 -11.20 24.68
CA GLU C 142 4.31 -10.14 25.02
C GLU C 142 3.91 -9.33 23.80
N LEU C 143 4.90 -8.83 23.06
CA LEU C 143 4.62 -7.92 21.92
C LEU C 143 3.89 -8.63 20.80
N ILE C 144 4.38 -9.79 20.41
CA ILE C 144 3.74 -10.53 19.34
C ILE C 144 2.46 -11.21 19.86
N GLY C 145 2.43 -11.63 21.13
CA GLY C 145 1.25 -12.34 21.60
C GLY C 145 0.07 -11.38 21.72
N THR C 146 0.27 -10.25 22.35
CA THR C 146 -0.82 -9.29 22.53
C THR C 146 -1.29 -8.63 21.25
N ASN C 147 -0.35 -8.25 20.40
CA ASN C 147 -0.72 -7.46 19.24
C ASN C 147 -1.16 -8.36 18.07
N ALA C 148 -1.01 -9.69 18.16
CA ALA C 148 -1.22 -10.53 16.98
C ALA C 148 -1.66 -11.98 17.16
N ILE C 149 -0.99 -12.71 18.05
CA ILE C 149 -1.32 -14.12 18.33
C ILE C 149 -2.62 -14.23 19.11
N ALA C 150 -2.81 -13.38 20.11
CA ALA C 150 -4.06 -13.47 20.88
C ALA C 150 -5.22 -13.07 19.96
N PRO C 151 -5.03 -12.00 19.16
CA PRO C 151 -6.10 -11.71 18.21
C PRO C 151 -6.49 -12.83 17.27
N PHE C 152 -5.48 -13.57 16.82
CA PHE C 152 -5.72 -14.70 15.93
C PHE C 152 -6.50 -15.80 16.67
N LEU C 153 -6.16 -16.00 17.95
CA LEU C 153 -6.76 -17.11 18.71
C LEU C 153 -8.17 -16.78 19.18
N LEU C 154 -8.39 -15.53 19.52
CA LEU C 154 -9.74 -15.05 19.83
C LEU C 154 -10.72 -15.12 18.66
N THR C 155 -10.16 -14.85 17.47
CA THR C 155 -10.83 -14.89 16.20
C THR C 155 -11.27 -16.32 15.92
N MET C 156 -10.32 -17.24 16.01
CA MET C 156 -10.59 -18.67 15.95
C MET C 156 -11.74 -19.07 16.88
N SER C 157 -11.58 -18.78 18.15
CA SER C 157 -12.64 -19.12 19.13
C SER C 157 -14.01 -18.45 18.84
N PHE C 158 -13.99 -17.18 18.44
CA PHE C 158 -15.19 -16.44 18.08
C PHE C 158 -15.96 -17.14 16.94
N ALA C 159 -15.24 -17.49 15.90
CA ALA C 159 -15.81 -18.08 14.71
C ALA C 159 -16.27 -19.48 14.99
N GLN C 160 -15.48 -20.21 15.77
CA GLN C 160 -15.78 -21.60 16.10
C GLN C 160 -17.13 -21.69 16.80
N ARG C 161 -17.37 -20.77 17.74
CA ARG C 161 -18.62 -20.69 18.50
C ARG C 161 -19.83 -20.21 17.73
N GLN C 162 -19.72 -19.87 16.45
CA GLN C 162 -20.94 -19.51 15.72
C GLN C 162 -21.38 -20.74 14.95
N SER C 171 -30.89 -12.57 11.09
CA SER C 171 -30.68 -11.12 10.97
C SER C 171 -29.51 -10.62 11.85
N SER C 172 -28.53 -11.48 12.10
CA SER C 172 -27.41 -11.14 12.96
C SER C 172 -26.31 -10.38 12.21
N ASN C 173 -25.54 -9.63 12.98
CA ASN C 173 -24.50 -8.79 12.44
C ASN C 173 -23.15 -8.99 13.20
N LEU C 174 -22.43 -10.03 12.78
CA LEU C 174 -21.23 -10.54 13.40
C LEU C 174 -20.04 -9.80 12.82
N SER C 175 -19.23 -9.17 13.67
CA SER C 175 -18.00 -8.67 13.20
C SER C 175 -16.91 -8.57 14.26
N ILE C 176 -15.71 -8.34 13.75
CA ILE C 176 -14.50 -8.20 14.52
C ILE C 176 -13.81 -6.91 14.17
N VAL C 177 -13.31 -6.20 15.15
CA VAL C 177 -12.57 -4.96 14.84
C VAL C 177 -11.22 -5.09 15.56
N ASN C 178 -10.15 -4.95 14.78
CA ASN C 178 -8.80 -4.99 15.27
C ASN C 178 -8.24 -3.57 15.35
N LEU C 179 -7.64 -3.28 16.49
CA LEU C 179 -6.97 -1.99 16.70
C LEU C 179 -5.52 -2.01 16.14
N CYS C 180 -5.37 -1.30 14.99
CA CYS C 180 -4.22 -1.38 14.12
C CYS C 180 -3.35 -0.17 14.39
N ASP C 181 -2.52 0.24 13.44
CA ASP C 181 -1.62 1.37 13.67
C ASP C 181 -1.54 2.08 12.32
N ALA C 182 -1.88 3.35 12.28
CA ALA C 182 -1.91 4.15 11.06
C ALA C 182 -0.50 4.36 10.52
N MET C 183 0.47 4.44 11.42
CA MET C 183 1.88 4.71 11.13
C MET C 183 2.74 3.47 10.97
N VAL C 184 2.10 2.36 10.69
CA VAL C 184 2.73 1.09 10.73
C VAL C 184 3.79 0.92 9.62
N ASP C 185 3.71 1.74 8.56
CA ASP C 185 4.69 1.67 7.45
C ASP C 185 5.68 2.82 7.59
N GLN C 186 5.60 3.55 8.67
CA GLN C 186 6.55 4.57 9.04
C GLN C 186 6.85 4.36 10.51
N PRO C 187 7.42 3.20 10.80
CA PRO C 187 7.54 2.67 12.15
C PRO C 187 8.45 3.54 13.03
N CYS C 188 8.20 3.54 14.35
CA CYS C 188 9.07 4.23 15.29
C CYS C 188 10.38 3.46 15.47
N MET C 189 11.41 4.26 15.67
CA MET C 189 12.76 3.81 15.83
C MET C 189 12.85 2.78 16.97
N ALA C 190 13.33 1.59 16.67
CA ALA C 190 13.59 0.58 17.74
C ALA C 190 12.35 -0.06 18.32
N PHE C 191 11.29 -0.06 17.55
CA PHE C 191 10.04 -0.62 17.96
C PHE C 191 9.71 -1.77 17.04
N SER C 192 10.75 -2.50 16.63
CA SER C 192 10.57 -3.48 15.60
C SER C 192 9.63 -4.67 15.97
N LEU C 193 9.64 -5.20 17.19
CA LEU C 193 8.68 -6.30 17.50
C LEU C 193 7.23 -5.85 17.52
N TYR C 194 7.01 -4.72 18.12
CA TYR C 194 5.69 -4.08 18.20
C TYR C 194 5.17 -3.91 16.78
N ASN C 195 6.03 -3.34 15.93
CA ASN C 195 5.70 -3.07 14.58
C ASN C 195 5.41 -4.35 13.84
N MET C 196 6.20 -5.40 14.15
CA MET C 196 5.96 -6.71 13.52
C MET C 196 4.59 -7.22 13.90
N GLY C 197 4.21 -7.04 15.16
CA GLY C 197 2.91 -7.52 15.62
C GLY C 197 1.75 -6.77 14.96
N LYS C 198 1.91 -5.47 14.84
CA LYS C 198 0.90 -4.63 14.19
C LYS C 198 0.77 -5.02 12.69
N HIS C 199 1.86 -5.42 12.07
CA HIS C 199 1.81 -5.76 10.65
C HIS C 199 1.13 -7.11 10.48
N ALA C 200 1.50 -7.99 11.40
CA ALA C 200 0.82 -9.29 11.53
C ALA C 200 -0.70 -9.15 11.67
N LEU C 201 -1.08 -8.20 12.51
CA LEU C 201 -2.48 -7.87 12.80
C LEU C 201 -3.21 -7.41 11.53
N VAL C 202 -2.51 -6.67 10.68
CA VAL C 202 -3.05 -6.34 9.33
C VAL C 202 -3.25 -7.61 8.51
N GLY C 203 -2.27 -8.49 8.48
CA GLY C 203 -2.40 -9.77 7.84
C GLY C 203 -3.62 -10.55 8.34
N LEU C 204 -3.77 -10.60 9.64
CA LEU C 204 -4.87 -11.37 10.27
C LEU C 204 -6.17 -10.73 9.89
N THR C 205 -6.22 -9.40 9.98
CA THR C 205 -7.42 -8.65 9.58
C THR C 205 -7.92 -9.11 8.17
N GLN C 206 -6.99 -9.17 7.22
CA GLN C 206 -7.32 -9.47 5.83
C GLN C 206 -7.57 -10.94 5.62
N SER C 207 -6.73 -11.79 6.22
CA SER C 207 -6.90 -13.24 6.08
C SER C 207 -8.23 -13.66 6.68
N ALA C 208 -8.51 -13.22 7.90
CA ALA C 208 -9.74 -13.56 8.60
C ALA C 208 -10.96 -12.97 7.87
N ALA C 209 -10.84 -11.75 7.31
CA ALA C 209 -11.96 -11.21 6.49
C ALA C 209 -12.31 -12.17 5.33
N LEU C 210 -11.26 -12.61 4.61
CA LEU C 210 -11.46 -13.52 3.49
C LEU C 210 -12.17 -14.85 3.87
N GLU C 211 -11.61 -15.49 4.88
CA GLU C 211 -11.96 -16.85 5.31
C GLU C 211 -13.26 -16.90 6.07
N LEU C 212 -13.56 -15.85 6.83
CA LEU C 212 -14.81 -15.80 7.60
C LEU C 212 -15.95 -15.08 6.89
N ALA C 213 -15.75 -14.55 5.70
CA ALA C 213 -16.86 -13.95 4.94
C ALA C 213 -18.03 -14.92 4.71
N PRO C 214 -17.72 -16.20 4.43
CA PRO C 214 -18.83 -17.11 4.16
C PRO C 214 -19.72 -17.39 5.37
N TYR C 215 -19.20 -17.12 6.56
CA TYR C 215 -19.98 -17.18 7.78
C TYR C 215 -20.74 -15.92 8.11
N GLY C 216 -20.72 -14.93 7.26
CA GLY C 216 -21.25 -13.60 7.59
C GLY C 216 -20.50 -12.83 8.68
N ILE C 217 -19.30 -13.26 9.01
CA ILE C 217 -18.51 -12.53 9.99
C ILE C 217 -17.58 -11.58 9.23
N ARG C 218 -17.66 -10.27 9.52
CA ARG C 218 -16.86 -9.26 8.87
C ARG C 218 -15.69 -8.99 9.78
N VAL C 219 -14.56 -8.58 9.21
CA VAL C 219 -13.34 -8.33 9.99
C VAL C 219 -12.68 -7.06 9.49
N ASN C 220 -12.53 -6.09 10.37
CA ASN C 220 -12.03 -4.80 9.96
C ASN C 220 -11.09 -4.28 10.97
N GLY C 221 -10.53 -3.10 10.67
CA GLY C 221 -9.60 -2.48 11.57
C GLY C 221 -9.76 -0.99 11.74
N VAL C 222 -9.40 -0.50 12.92
CA VAL C 222 -9.35 0.91 13.14
C VAL C 222 -7.91 1.19 13.45
N ALA C 223 -7.32 2.16 12.78
CA ALA C 223 -5.92 2.47 12.93
C ALA C 223 -5.74 3.91 13.43
N PRO C 224 -5.53 4.07 14.75
CA PRO C 224 -5.19 5.43 15.25
C PRO C 224 -3.81 5.82 14.80
N GLY C 225 -3.56 7.12 14.86
CA GLY C 225 -2.24 7.70 14.67
C GLY C 225 -1.68 7.93 16.06
N VAL C 226 -1.81 9.14 16.57
CA VAL C 226 -1.68 9.40 18.03
C VAL C 226 -3.07 9.68 18.58
N SER C 227 -3.48 8.90 19.58
CA SER C 227 -4.64 9.20 20.38
C SER C 227 -4.11 9.48 21.80
N LEU C 228 -4.80 9.08 22.85
CA LEU C 228 -4.29 9.39 24.21
C LEU C 228 -2.85 8.93 24.32
N LEU C 229 -1.97 9.83 24.72
CA LEU C 229 -0.56 9.47 24.75
C LEU C 229 -0.23 8.81 26.09
N PRO C 230 0.80 7.95 26.13
CA PRO C 230 1.01 7.11 27.33
C PRO C 230 1.20 7.95 28.58
N VAL C 231 0.66 7.48 29.69
CA VAL C 231 0.67 8.29 30.92
C VAL C 231 2.13 8.58 31.26
N ALA C 232 2.97 7.56 31.01
CA ALA C 232 4.40 7.63 31.25
C ALA C 232 5.08 8.72 30.41
N MET C 233 4.67 8.85 29.15
CA MET C 233 5.33 9.71 28.22
C MET C 233 5.48 11.13 28.74
N GLY C 234 6.67 11.67 28.55
CA GLY C 234 6.96 13.05 28.89
C GLY C 234 6.07 14.00 28.13
N GLU C 235 5.85 15.15 28.74
CA GLU C 235 4.88 16.13 28.33
C GLU C 235 5.34 16.89 27.08
N GLU C 236 6.61 17.24 27.08
CA GLU C 236 7.25 17.80 25.88
C GLU C 236 7.22 16.79 24.73
N GLU C 237 7.48 15.52 25.05
CA GLU C 237 7.40 14.42 24.07
C GLU C 237 5.95 14.25 23.48
N LYS C 238 4.93 14.44 24.31
CA LYS C 238 3.53 14.38 23.85
C LYS C 238 3.24 15.55 22.90
N ASP C 239 3.65 16.77 23.29
CA ASP C 239 3.51 17.99 22.45
C ASP C 239 4.23 17.92 21.11
N LYS C 240 5.42 17.36 21.11
CA LYS C 240 6.14 17.09 19.86
C LYS C 240 5.25 16.34 18.86
N TRP C 241 4.63 15.26 19.32
CA TRP C 241 3.75 14.47 18.45
C TRP C 241 2.47 15.23 18.05
N ARG C 242 1.85 15.88 19.03
CA ARG C 242 0.70 16.77 18.82
C ARG C 242 0.89 17.74 17.66
N ARG C 243 2.06 18.33 17.58
CA ARG C 243 2.28 19.41 16.64
C ARG C 243 2.47 18.90 15.19
N LYS C 244 2.59 17.59 14.99
CA LYS C 244 2.78 17.03 13.68
C LYS C 244 1.47 16.72 12.98
N VAL C 245 0.39 16.69 13.79
CA VAL C 245 -0.92 16.33 13.33
C VAL C 245 -1.57 17.46 12.54
N PRO C 246 -1.76 17.25 11.23
CA PRO C 246 -2.27 18.37 10.44
C PRO C 246 -3.69 18.80 10.82
N LEU C 247 -4.57 17.86 11.14
CA LEU C 247 -5.95 18.23 11.56
C LEU C 247 -6.01 18.63 13.06
N GLY C 248 -5.67 19.88 13.33
CA GLY C 248 -5.84 20.49 14.65
C GLY C 248 -4.66 20.47 15.58
N ARG C 249 -3.52 19.93 15.18
CA ARG C 249 -2.31 19.85 16.00
C ARG C 249 -2.58 19.27 17.38
N ARG C 250 -3.39 18.21 17.42
CA ARG C 250 -3.74 17.53 18.68
C ARG C 250 -3.94 16.05 18.42
N GLU C 251 -4.00 15.27 19.49
CA GLU C 251 -4.31 13.85 19.41
C GLU C 251 -5.81 13.58 19.32
N ALA C 252 -6.15 12.42 18.79
CA ALA C 252 -7.50 11.94 18.81
C ALA C 252 -7.87 11.67 20.24
N SER C 253 -9.09 12.01 20.60
CA SER C 253 -9.68 11.44 21.79
C SER C 253 -9.93 9.96 21.61
N ALA C 254 -10.01 9.26 22.74
CA ALA C 254 -10.48 7.86 22.73
C ALA C 254 -11.86 7.68 22.08
N GLU C 255 -12.77 8.60 22.37
CA GLU C 255 -14.10 8.54 21.82
C GLU C 255 -14.09 8.65 20.28
N GLN C 256 -13.18 9.44 19.75
CA GLN C 256 -13.08 9.57 18.27
C GLN C 256 -12.65 8.25 17.64
N ILE C 257 -11.79 7.51 18.33
CA ILE C 257 -11.40 6.17 17.89
C ILE C 257 -12.56 5.20 18.02
N ALA C 258 -13.30 5.30 19.13
CA ALA C 258 -14.43 4.45 19.38
C ALA C 258 -15.56 4.64 18.33
N ASP C 259 -15.80 5.88 17.93
CA ASP C 259 -16.71 6.21 16.77
C ASP C 259 -16.46 5.33 15.53
N ALA C 260 -15.21 5.06 15.18
CA ALA C 260 -14.95 4.28 13.97
C ALA C 260 -15.31 2.86 14.15
N VAL C 261 -15.01 2.41 15.39
CA VAL C 261 -15.40 1.06 15.82
C VAL C 261 -16.89 0.88 15.73
N ILE C 262 -17.63 1.82 16.31
CA ILE C 262 -19.10 1.76 16.33
C ILE C 262 -19.65 1.72 14.91
N PHE C 263 -19.10 2.55 14.01
CA PHE C 263 -19.45 2.51 12.61
C PHE C 263 -19.26 1.11 12.04
N LEU C 264 -18.09 0.52 12.26
CA LEU C 264 -17.74 -0.77 11.65
C LEU C 264 -18.60 -1.94 12.11
N VAL C 265 -19.02 -1.95 13.38
CA VAL C 265 -19.91 -2.97 13.88
C VAL C 265 -21.37 -2.71 13.49
N SER C 266 -21.70 -1.50 13.01
CA SER C 266 -23.10 -1.12 12.75
C SER C 266 -23.66 -1.74 11.51
N GLY C 267 -24.98 -1.62 11.38
CA GLY C 267 -25.68 -2.16 10.20
C GLY C 267 -25.37 -1.31 8.99
N SER C 268 -24.76 -0.15 9.19
CA SER C 268 -24.43 0.65 8.05
C SER C 268 -22.99 0.33 7.49
N ALA C 269 -22.32 -0.70 8.03
CA ALA C 269 -21.00 -1.13 7.51
C ALA C 269 -21.10 -2.59 7.03
N GLN C 270 -22.31 -3.00 6.68
CA GLN C 270 -22.59 -4.43 6.43
C GLN C 270 -21.98 -5.02 5.17
N TYR C 271 -21.45 -4.19 4.27
CA TYR C 271 -20.79 -4.72 3.10
C TYR C 271 -19.27 -4.59 3.25
N ILE C 272 -18.85 -4.00 4.37
CA ILE C 272 -17.47 -3.73 4.68
C ILE C 272 -16.74 -4.82 5.49
N THR C 273 -15.72 -5.42 4.88
CA THR C 273 -14.81 -6.38 5.58
C THR C 273 -13.42 -6.31 4.94
N GLY C 274 -12.36 -6.43 5.75
CA GLY C 274 -11.01 -6.32 5.29
C GLY C 274 -10.50 -4.91 5.13
N SER C 275 -11.26 -3.95 5.70
CA SER C 275 -11.01 -2.56 5.57
C SER C 275 -10.40 -2.08 6.87
N ILE C 276 -9.38 -1.25 6.77
CA ILE C 276 -8.72 -0.67 7.91
C ILE C 276 -8.82 0.83 7.73
N ILE C 277 -9.53 1.49 8.65
CA ILE C 277 -9.82 2.88 8.63
C ILE C 277 -8.85 3.64 9.48
N LYS C 278 -8.07 4.53 8.87
CA LYS C 278 -7.18 5.43 9.64
C LYS C 278 -8.04 6.45 10.33
N VAL C 279 -7.78 6.64 11.60
CA VAL C 279 -8.33 7.75 12.37
C VAL C 279 -7.13 8.44 12.94
N ASP C 280 -6.46 9.20 12.10
CA ASP C 280 -5.13 9.79 12.43
C ASP C 280 -4.96 11.27 12.19
N GLY C 281 -6.02 11.97 11.79
CA GLY C 281 -5.97 13.43 11.53
C GLY C 281 -4.95 13.84 10.44
N GLY C 282 -4.62 12.88 9.55
CA GLY C 282 -3.70 13.10 8.47
C GLY C 282 -2.25 12.81 8.82
N LEU C 283 -1.93 12.42 10.05
CA LEU C 283 -0.51 12.23 10.54
C LEU C 283 0.28 11.34 9.62
N SER C 284 -0.29 10.20 9.20
CA SER C 284 0.38 9.31 8.25
C SER C 284 0.78 9.90 6.89
N LEU C 285 0.12 10.99 6.50
CA LEU C 285 0.39 11.66 5.24
C LEU C 285 1.59 12.58 5.26
N VAL C 286 2.14 12.80 6.45
CA VAL C 286 3.07 13.89 6.64
C VAL C 286 4.49 13.32 6.46
N HIS C 287 5.27 13.87 5.53
CA HIS C 287 6.64 13.42 5.30
C HIS C 287 7.60 13.85 6.42
N ALA C 288 8.73 13.16 6.52
CA ALA C 288 9.80 13.54 7.47
C ALA C 288 10.19 15.02 7.42
N GLU D 22 -29.38 26.42 10.99
CA GLU D 22 -29.65 26.35 9.52
C GLU D 22 -29.00 25.09 8.91
N ALA D 23 -29.63 24.55 7.88
CA ALA D 23 -29.23 23.24 7.35
C ALA D 23 -27.95 23.34 6.47
N PRO D 24 -27.00 22.42 6.69
CA PRO D 24 -25.81 22.39 5.82
C PRO D 24 -26.11 22.06 4.36
N ALA D 25 -25.18 22.34 3.44
CA ALA D 25 -25.45 21.92 2.05
C ALA D 25 -24.27 21.15 1.43
N ALA D 26 -24.65 20.23 0.54
CA ALA D 26 -23.71 19.36 -0.10
C ALA D 26 -23.89 19.53 -1.61
N VAL D 27 -22.78 19.45 -2.35
CA VAL D 27 -22.79 19.24 -3.80
C VAL D 27 -22.48 17.77 -3.95
N VAL D 28 -23.30 17.11 -4.75
CA VAL D 28 -23.00 15.78 -5.23
C VAL D 28 -22.89 15.77 -6.74
N THR D 29 -21.75 15.31 -7.30
CA THR D 29 -21.63 15.27 -8.76
C THR D 29 -22.10 13.90 -9.27
N GLY D 30 -22.56 13.89 -10.52
CA GLY D 30 -23.20 12.72 -11.14
C GLY D 30 -24.26 12.06 -10.25
N ALA D 31 -25.10 12.91 -9.67
CA ALA D 31 -26.09 12.53 -8.65
C ALA D 31 -27.49 12.14 -9.15
N ALA D 32 -27.70 12.13 -10.45
CA ALA D 32 -29.05 11.85 -10.97
C ALA D 32 -29.44 10.41 -10.87
N LYS D 33 -28.45 9.52 -10.90
CA LYS D 33 -28.69 8.09 -10.91
C LYS D 33 -27.77 7.33 -9.97
N ARG D 34 -28.11 6.05 -9.83
CA ARG D 34 -27.23 5.02 -9.30
C ARG D 34 -26.59 5.44 -8.00
N ILE D 35 -25.27 5.30 -7.85
CA ILE D 35 -24.66 5.60 -6.53
C ILE D 35 -24.79 7.06 -6.13
N GLY D 36 -24.56 7.96 -7.09
CA GLY D 36 -24.61 9.38 -6.73
C GLY D 36 -26.02 9.78 -6.23
N ARG D 37 -27.03 9.16 -6.80
CA ARG D 37 -28.41 9.49 -6.38
C ARG D 37 -28.63 9.05 -4.94
N ALA D 38 -28.18 7.83 -4.61
CA ALA D 38 -28.34 7.31 -3.28
C ALA D 38 -27.65 8.17 -2.24
N ILE D 39 -26.54 8.76 -2.62
CA ILE D 39 -25.75 9.58 -1.73
C ILE D 39 -26.50 10.92 -1.50
N ALA D 40 -27.08 11.46 -2.57
CA ALA D 40 -27.84 12.69 -2.50
C ALA D 40 -29.02 12.47 -1.59
N VAL D 41 -29.74 11.36 -1.79
CA VAL D 41 -30.90 11.03 -0.96
C VAL D 41 -30.55 10.94 0.53
N LYS D 42 -29.44 10.26 0.86
CA LYS D 42 -29.08 10.02 2.26
C LYS D 42 -28.58 11.30 2.90
N LEU D 43 -27.82 12.06 2.15
CA LEU D 43 -27.37 13.33 2.64
C LEU D 43 -28.64 14.15 2.95
N HIS D 44 -29.63 14.06 2.08
CA HIS D 44 -30.87 14.81 2.23
C HIS D 44 -31.68 14.34 3.43
N GLN D 45 -31.85 13.03 3.55
CA GLN D 45 -32.47 12.42 4.75
C GLN D 45 -31.80 12.82 6.05
N THR D 46 -30.50 13.07 6.04
CA THR D 46 -29.71 13.43 7.22
C THR D 46 -29.87 14.87 7.62
N GLY D 47 -30.48 15.69 6.77
CA GLY D 47 -30.69 17.10 7.06
C GLY D 47 -30.06 18.09 6.06
N TYR D 48 -29.30 17.58 5.08
CA TYR D 48 -28.60 18.41 4.09
C TYR D 48 -29.50 18.93 2.99
N ARG D 49 -29.21 20.17 2.60
CA ARG D 49 -29.62 20.66 1.28
C ARG D 49 -28.64 20.22 0.20
N VAL D 50 -29.13 19.84 -0.99
CA VAL D 50 -28.30 19.19 -1.96
C VAL D 50 -28.34 19.85 -3.33
N VAL D 51 -27.14 20.15 -3.84
CA VAL D 51 -26.99 20.39 -5.22
C VAL D 51 -26.82 19.07 -5.95
N ILE D 52 -27.75 18.83 -6.84
CA ILE D 52 -27.73 17.62 -7.69
C ILE D 52 -27.03 17.90 -9.03
N HIS D 53 -25.74 17.59 -9.19
CA HIS D 53 -25.10 17.86 -10.49
C HIS D 53 -25.38 16.69 -11.43
N TYR D 54 -25.41 17.01 -12.72
CA TYR D 54 -25.70 16.01 -13.73
C TYR D 54 -25.10 16.50 -15.05
N HIS D 55 -24.97 15.59 -16.01
CA HIS D 55 -24.40 15.97 -17.32
C HIS D 55 -25.48 15.84 -18.42
N ASN D 56 -25.78 14.61 -18.81
CA ASN D 56 -26.86 14.24 -19.74
C ASN D 56 -28.16 13.95 -19.06
N SER D 57 -28.15 13.24 -17.92
CA SER D 57 -29.37 12.76 -17.22
C SER D 57 -30.31 13.84 -16.59
N ALA D 58 -30.78 14.73 -17.46
CA ALA D 58 -31.57 15.93 -17.09
C ALA D 58 -32.90 15.53 -16.50
N GLU D 59 -33.60 14.57 -17.11
CA GLU D 59 -34.91 14.20 -16.58
C GLU D 59 -34.85 13.58 -15.21
N ALA D 60 -33.92 12.66 -15.01
CA ALA D 60 -33.79 12.03 -13.71
C ALA D 60 -33.27 13.01 -12.66
N ALA D 61 -32.38 13.90 -13.07
CA ALA D 61 -31.98 14.97 -12.17
C ALA D 61 -33.18 15.86 -11.65
N VAL D 62 -33.99 16.45 -12.54
CA VAL D 62 -35.12 17.29 -12.03
C VAL D 62 -36.13 16.43 -11.28
N SER D 63 -36.29 15.21 -11.74
CA SER D 63 -37.15 14.31 -11.04
C SER D 63 -36.72 14.08 -9.56
N LEU D 64 -35.41 13.83 -9.36
CA LEU D 64 -34.88 13.70 -8.00
C LEU D 64 -35.08 14.99 -7.17
N ALA D 65 -34.84 16.19 -7.72
CA ALA D 65 -35.00 17.42 -6.89
C ALA D 65 -36.46 17.65 -6.49
N ASP D 66 -37.38 17.20 -7.34
CA ASP D 66 -38.84 17.26 -7.08
C ASP D 66 -39.17 16.43 -5.87
N GLU D 67 -38.72 15.19 -5.89
CA GLU D 67 -38.94 14.33 -4.74
C GLU D 67 -38.42 14.96 -3.47
N LEU D 68 -37.18 15.43 -3.57
CA LEU D 68 -36.49 15.93 -2.42
C LEU D 68 -37.21 17.14 -1.90
N ASN D 69 -37.54 18.07 -2.80
CA ASN D 69 -38.19 19.33 -2.41
C ASN D 69 -39.65 19.15 -1.93
N LYS D 70 -40.31 18.11 -2.41
CA LYS D 70 -41.62 17.71 -1.89
C LYS D 70 -41.55 17.23 -0.49
N GLU D 71 -40.42 16.68 -0.10
CA GLU D 71 -40.20 16.23 1.25
C GLU D 71 -39.83 17.42 2.16
N ARG D 72 -38.97 18.30 1.67
CA ARG D 72 -38.56 19.53 2.39
C ARG D 72 -38.35 20.67 1.36
N SER D 73 -39.26 21.63 1.34
CA SER D 73 -39.21 22.65 0.28
C SER D 73 -37.90 23.48 0.30
N ASN D 74 -37.43 23.85 -0.88
CA ASN D 74 -36.18 24.63 -1.01
C ASN D 74 -34.94 23.95 -0.42
N THR D 75 -34.77 22.66 -0.73
CA THR D 75 -33.61 21.92 -0.26
C THR D 75 -32.83 21.19 -1.38
N ALA D 76 -33.30 21.24 -2.64
CA ALA D 76 -32.58 20.70 -3.79
C ALA D 76 -32.74 21.51 -5.05
N VAL D 77 -31.66 21.58 -5.82
CA VAL D 77 -31.56 22.28 -7.10
C VAL D 77 -30.68 21.41 -7.95
N VAL D 78 -30.91 21.42 -9.26
CA VAL D 78 -30.03 20.74 -10.19
C VAL D 78 -28.97 21.69 -10.74
N CYS D 79 -27.89 21.12 -11.33
CA CYS D 79 -26.79 21.94 -11.88
C CYS D 79 -26.06 21.12 -12.93
N GLN D 80 -26.17 21.57 -14.20
CA GLN D 80 -25.70 20.81 -15.35
C GLN D 80 -24.26 21.18 -15.64
N ALA D 81 -23.42 20.16 -15.82
CA ALA D 81 -22.05 20.42 -16.29
C ALA D 81 -21.37 19.21 -16.92
N ASP D 82 -20.66 19.52 -17.99
CA ASP D 82 -19.79 18.56 -18.58
C ASP D 82 -18.51 18.66 -17.77
N LEU D 83 -18.04 17.50 -17.25
CA LEU D 83 -16.77 17.44 -16.45
C LEU D 83 -15.54 16.85 -17.24
N THR D 84 -15.68 16.69 -18.56
CA THR D 84 -14.56 16.47 -19.48
C THR D 84 -13.48 17.52 -19.30
N ASN D 85 -12.21 17.12 -19.38
CA ASN D 85 -11.15 18.12 -19.20
C ASN D 85 -11.11 19.08 -20.44
N SER D 86 -10.89 20.37 -20.18
CA SER D 86 -10.79 21.40 -21.23
C SER D 86 -10.35 22.64 -20.51
N ASN D 87 -10.05 23.70 -21.28
CA ASN D 87 -9.70 24.98 -20.75
C ASN D 87 -10.85 25.69 -20.04
N VAL D 88 -12.09 25.25 -20.20
CA VAL D 88 -13.20 25.86 -19.45
C VAL D 88 -13.66 25.03 -18.25
N LEU D 89 -12.99 23.91 -17.99
CA LEU D 89 -13.41 23.08 -16.87
C LEU D 89 -13.27 23.86 -15.58
N PRO D 90 -12.17 24.63 -15.41
CA PRO D 90 -12.06 25.30 -14.13
C PRO D 90 -13.25 26.21 -13.89
N ALA D 91 -13.81 26.76 -14.96
CA ALA D 91 -14.97 27.64 -14.84
C ALA D 91 -16.18 26.84 -14.56
N SER D 92 -16.38 25.71 -15.25
CA SER D 92 -17.53 24.89 -14.95
C SER D 92 -17.56 24.41 -13.51
N CYS D 93 -16.40 23.98 -12.98
CA CYS D 93 -16.27 23.59 -11.59
C CYS D 93 -16.52 24.76 -10.59
N GLU D 94 -16.03 25.95 -10.90
CA GLU D 94 -16.31 27.09 -10.04
C GLU D 94 -17.82 27.38 -9.99
N GLU D 95 -18.47 27.19 -11.14
CA GLU D 95 -19.90 27.41 -11.28
C GLU D 95 -20.69 26.41 -10.47
N ILE D 96 -20.20 25.16 -10.37
CA ILE D 96 -20.92 24.12 -9.61
C ILE D 96 -20.96 24.55 -8.13
N ILE D 97 -19.84 25.05 -7.64
CA ILE D 97 -19.75 25.44 -6.24
C ILE D 97 -20.49 26.76 -6.04
N ASN D 98 -20.41 27.65 -7.03
CA ASN D 98 -21.10 28.94 -6.95
C ASN D 98 -22.58 28.66 -6.92
N SER D 99 -23.01 27.61 -7.60
CA SER D 99 -24.41 27.29 -7.62
C SER D 99 -24.93 26.82 -6.27
N CYS D 100 -24.05 26.20 -5.48
CA CYS D 100 -24.45 25.71 -4.20
C CYS D 100 -24.61 26.92 -3.32
N PHE D 101 -23.70 27.86 -3.42
CA PHE D 101 -23.83 29.09 -2.62
C PHE D 101 -25.04 29.96 -3.03
N ARG D 102 -25.33 30.01 -4.33
CA ARG D 102 -26.43 30.81 -4.85
C ARG D 102 -27.70 30.23 -4.26
N ALA D 103 -27.89 28.91 -4.39
CA ALA D 103 -29.11 28.31 -3.88
C ALA D 103 -29.19 28.31 -2.34
N PHE D 104 -28.12 28.04 -1.60
CA PHE D 104 -28.26 27.74 -0.18
C PHE D 104 -27.42 28.59 0.75
N GLY D 105 -26.65 29.51 0.19
CA GLY D 105 -25.83 30.42 0.95
C GLY D 105 -24.61 29.77 1.57
N ARG D 106 -24.37 28.48 1.31
CA ARG D 106 -23.20 27.81 1.93
C ARG D 106 -22.90 26.51 1.19
N CYS D 107 -21.76 25.90 1.49
CA CYS D 107 -21.39 24.59 0.88
C CYS D 107 -20.43 23.87 1.81
N ASP D 108 -20.99 22.88 2.47
CA ASP D 108 -20.37 22.21 3.60
C ASP D 108 -19.67 20.96 3.14
N VAL D 109 -20.26 20.31 2.13
CA VAL D 109 -19.85 19.06 1.72
C VAL D 109 -19.75 19.00 0.16
N LEU D 110 -18.67 18.40 -0.30
CA LEU D 110 -18.50 18.08 -1.72
C LEU D 110 -18.31 16.60 -1.85
N VAL D 111 -19.10 16.00 -2.76
CA VAL D 111 -18.88 14.62 -3.12
C VAL D 111 -18.54 14.46 -4.59
N ASN D 112 -17.30 14.00 -4.87
CA ASN D 112 -16.88 13.74 -6.22
C ASN D 112 -17.20 12.30 -6.64
N ASN D 113 -18.34 12.16 -7.28
CA ASN D 113 -18.85 10.89 -7.67
C ASN D 113 -18.89 10.67 -9.19
N ALA D 114 -19.13 11.73 -9.97
CA ALA D 114 -19.22 11.59 -11.43
C ALA D 114 -17.97 11.00 -11.95
N SER D 115 -18.11 10.16 -12.96
CA SER D 115 -16.97 9.45 -13.54
C SER D 115 -17.39 8.81 -14.86
N ALA D 116 -16.54 8.95 -15.88
CA ALA D 116 -16.66 8.20 -17.12
C ALA D 116 -15.82 6.96 -17.05
N PHE D 117 -16.24 5.89 -17.73
CA PHE D 117 -15.45 4.67 -17.68
C PHE D 117 -15.71 3.85 -18.94
N TYR D 118 -14.65 3.37 -19.60
CA TYR D 118 -14.74 2.52 -20.83
C TYR D 118 -13.30 2.09 -21.13
N PRO D 119 -13.10 0.99 -21.89
CA PRO D 119 -11.75 0.57 -22.22
C PRO D 119 -11.02 1.58 -23.06
N THR D 120 -9.70 1.67 -22.86
CA THR D 120 -8.80 2.38 -23.75
C THR D 120 -7.60 1.47 -23.99
N PRO D 121 -7.74 0.46 -24.86
CA PRO D 121 -6.62 -0.46 -25.13
C PRO D 121 -5.30 0.22 -25.52
N LEU D 122 -4.20 -0.33 -25.07
CA LEU D 122 -2.91 0.21 -25.41
C LEU D 122 -2.55 -0.16 -26.86
N VAL D 123 -3.15 -1.25 -27.37
CA VAL D 123 -2.88 -1.71 -28.73
C VAL D 123 -4.17 -1.89 -29.56
N GLN D 124 -4.18 -1.35 -30.77
CA GLN D 124 -5.34 -1.39 -31.72
C GLN D 124 -5.91 -2.81 -31.90
N GLY D 133 -15.37 5.13 -31.13
CA GLY D 133 -14.91 5.99 -32.24
C GLY D 133 -14.31 7.32 -31.80
N LYS D 134 -14.14 7.49 -30.49
CA LYS D 134 -13.51 8.70 -29.92
C LYS D 134 -12.03 8.69 -30.17
N THR D 135 -11.47 9.87 -30.38
CA THR D 135 -10.04 10.01 -30.49
C THR D 135 -9.42 9.80 -29.10
N VAL D 136 -8.13 9.54 -29.09
CA VAL D 136 -7.45 9.29 -27.83
C VAL D 136 -7.34 10.62 -27.01
N GLU D 137 -7.19 11.76 -27.67
CA GLU D 137 -7.21 13.05 -26.93
C GLU D 137 -8.54 13.21 -26.18
N THR D 138 -9.61 12.72 -26.78
CA THR D 138 -10.93 12.80 -26.12
C THR D 138 -11.08 11.81 -24.98
N GLN D 139 -10.62 10.57 -25.17
CA GLN D 139 -10.58 9.59 -24.09
C GLN D 139 -9.79 10.11 -22.85
N VAL D 140 -8.66 10.75 -23.12
CA VAL D 140 -7.85 11.32 -22.04
C VAL D 140 -8.69 12.38 -21.30
N ALA D 141 -9.17 13.35 -22.05
CA ALA D 141 -9.97 14.45 -21.47
C ALA D 141 -11.18 13.96 -20.69
N GLU D 142 -11.87 12.95 -21.17
CA GLU D 142 -13.07 12.45 -20.45
C GLU D 142 -12.72 11.63 -19.20
N LEU D 143 -11.84 10.65 -19.36
CA LEU D 143 -11.54 9.72 -18.28
C LEU D 143 -10.69 10.38 -17.18
N ILE D 144 -9.72 11.21 -17.55
CA ILE D 144 -8.90 11.87 -16.57
C ILE D 144 -9.63 13.07 -16.04
N GLY D 145 -10.36 13.73 -16.94
CA GLY D 145 -11.26 14.88 -16.57
C GLY D 145 -12.18 14.54 -15.43
N THR D 146 -13.11 13.64 -15.67
CA THR D 146 -14.12 13.30 -14.70
C THR D 146 -13.54 12.71 -13.42
N ASN D 147 -12.60 11.76 -13.60
CA ASN D 147 -12.15 10.94 -12.51
C ASN D 147 -11.10 11.62 -11.72
N ALA D 148 -10.50 12.70 -12.21
CA ALA D 148 -9.43 13.33 -11.47
C ALA D 148 -9.36 14.83 -11.53
N ILE D 149 -9.44 15.38 -12.73
CA ILE D 149 -9.12 16.83 -12.85
C ILE D 149 -10.31 17.64 -12.31
N ALA D 150 -11.55 17.22 -12.63
CA ALA D 150 -12.70 17.93 -12.13
C ALA D 150 -12.70 17.86 -10.55
N PRO D 151 -12.52 16.65 -10.00
CA PRO D 151 -12.41 16.60 -8.55
C PRO D 151 -11.42 17.60 -8.00
N PHE D 152 -10.30 17.76 -8.70
CA PHE D 152 -9.26 18.67 -8.21
C PHE D 152 -9.76 20.08 -8.22
N LEU D 153 -10.40 20.43 -9.33
CA LEU D 153 -10.86 21.79 -9.59
C LEU D 153 -12.04 22.13 -8.66
N LEU D 154 -12.93 21.14 -8.49
CA LEU D 154 -14.02 21.25 -7.52
C LEU D 154 -13.54 21.49 -6.10
N THR D 155 -12.53 20.74 -5.71
CA THR D 155 -11.88 20.89 -4.42
C THR D 155 -11.24 22.26 -4.34
N MET D 156 -10.54 22.73 -5.38
CA MET D 156 -9.98 24.13 -5.31
C MET D 156 -11.07 25.16 -5.06
N SER D 157 -12.14 25.09 -5.86
CA SER D 157 -13.24 26.04 -5.80
C SER D 157 -13.97 25.93 -4.48
N PHE D 158 -14.16 24.71 -4.00
CA PHE D 158 -14.76 24.53 -2.69
C PHE D 158 -13.94 25.25 -1.60
N ALA D 159 -12.64 24.99 -1.57
CA ALA D 159 -11.85 25.50 -0.47
C ALA D 159 -11.70 26.99 -0.59
N GLN D 160 -11.57 27.47 -1.81
CA GLN D 160 -11.46 28.90 -2.06
C GLN D 160 -12.64 29.67 -1.48
N ARG D 161 -13.86 29.14 -1.49
CA ARG D 161 -15.03 29.84 -0.90
C ARG D 161 -15.19 29.76 0.66
N GLN D 162 -14.38 28.97 1.35
CA GLN D 162 -14.54 28.91 2.80
C GLN D 162 -13.68 30.02 3.44
N SER D 172 -19.14 24.01 12.59
CA SER D 172 -18.97 23.69 11.16
C SER D 172 -18.18 22.38 10.96
N ASN D 173 -18.67 21.54 10.05
CA ASN D 173 -18.02 20.27 9.75
C ASN D 173 -17.88 20.12 8.23
N LEU D 174 -16.79 20.69 7.74
CA LEU D 174 -16.56 20.81 6.29
C LEU D 174 -15.78 19.57 5.85
N SER D 175 -16.28 18.84 4.85
CA SER D 175 -15.47 17.75 4.34
C SER D 175 -15.76 17.43 2.88
N ILE D 176 -14.83 16.68 2.28
CA ILE D 176 -14.96 16.20 0.91
C ILE D 176 -14.84 14.70 0.82
N VAL D 177 -15.65 14.05 -0.03
CA VAL D 177 -15.53 12.61 -0.18
C VAL D 177 -15.35 12.29 -1.65
N ASN D 178 -14.27 11.63 -2.00
CA ASN D 178 -14.09 11.12 -3.35
C ASN D 178 -14.46 9.68 -3.55
N LEU D 179 -15.14 9.38 -4.64
CA LEU D 179 -15.48 8.00 -4.94
C LEU D 179 -14.35 7.34 -5.72
N CYS D 180 -13.59 6.51 -5.00
CA CYS D 180 -12.38 5.88 -5.50
C CYS D 180 -12.74 4.50 -5.87
N ASP D 181 -11.76 3.59 -5.98
CA ASP D 181 -11.99 2.29 -6.57
C ASP D 181 -11.15 1.30 -5.73
N ALA D 182 -11.80 0.35 -5.08
CA ALA D 182 -11.08 -0.61 -4.20
C ALA D 182 -10.10 -1.48 -4.97
N MET D 183 -10.43 -1.74 -6.22
CA MET D 183 -9.64 -2.57 -7.11
C MET D 183 -8.54 -1.81 -7.86
N VAL D 184 -8.10 -0.67 -7.35
CA VAL D 184 -7.28 0.18 -8.19
C VAL D 184 -5.86 -0.36 -8.36
N ASP D 185 -5.37 -1.12 -7.39
CA ASP D 185 -4.08 -1.74 -7.56
C ASP D 185 -4.15 -3.05 -8.21
N GLN D 186 -5.34 -3.44 -8.63
CA GLN D 186 -5.57 -4.68 -9.39
C GLN D 186 -6.38 -4.35 -10.64
N PRO D 187 -5.76 -3.65 -11.60
CA PRO D 187 -6.52 -3.00 -12.69
C PRO D 187 -7.33 -3.95 -13.61
N CYS D 188 -8.50 -3.50 -14.10
CA CYS D 188 -9.17 -4.22 -15.21
C CYS D 188 -8.40 -4.16 -16.50
N MET D 189 -8.43 -5.24 -17.25
CA MET D 189 -7.62 -5.29 -18.46
C MET D 189 -8.07 -4.22 -19.47
N ALA D 190 -7.13 -3.44 -19.98
CA ALA D 190 -7.40 -2.39 -21.01
C ALA D 190 -8.12 -1.15 -20.52
N PHE D 191 -8.05 -0.87 -19.22
CA PHE D 191 -8.65 0.31 -18.59
C PHE D 191 -7.61 1.25 -18.04
N SER D 192 -6.46 1.36 -18.71
CA SER D 192 -5.34 2.11 -18.16
C SER D 192 -5.74 3.55 -17.87
N LEU D 193 -6.44 4.22 -18.81
CA LEU D 193 -6.77 5.65 -18.58
C LEU D 193 -7.74 5.79 -17.42
N TYR D 194 -8.75 4.93 -17.34
CA TYR D 194 -9.68 5.00 -16.20
C TYR D 194 -8.92 4.84 -14.88
N ASN D 195 -8.15 3.76 -14.82
CA ASN D 195 -7.32 3.41 -13.65
C ASN D 195 -6.36 4.50 -13.26
N MET D 196 -5.77 5.11 -14.27
CA MET D 196 -4.92 6.30 -14.02
C MET D 196 -5.64 7.42 -13.32
N GLY D 197 -6.88 7.65 -13.77
CA GLY D 197 -7.75 8.62 -13.16
C GLY D 197 -8.03 8.28 -11.72
N LYS D 198 -8.38 7.04 -11.45
CA LYS D 198 -8.64 6.69 -10.04
C LYS D 198 -7.41 6.77 -9.11
N HIS D 199 -6.26 6.39 -9.65
CA HIS D 199 -5.04 6.49 -8.90
C HIS D 199 -4.74 7.92 -8.53
N ALA D 200 -4.83 8.80 -9.52
CA ALA D 200 -4.73 10.23 -9.30
C ALA D 200 -5.67 10.76 -8.25
N LEU D 201 -6.87 10.21 -8.25
CA LEU D 201 -7.87 10.61 -7.25
C LEU D 201 -7.47 10.22 -5.78
N VAL D 202 -6.72 9.13 -5.68
CA VAL D 202 -6.05 8.76 -4.40
C VAL D 202 -5.11 9.85 -4.00
N GLY D 203 -4.25 10.27 -4.92
CA GLY D 203 -3.23 11.30 -4.60
C GLY D 203 -3.86 12.59 -4.22
N LEU D 204 -4.90 12.94 -4.94
CA LEU D 204 -5.73 14.12 -4.59
C LEU D 204 -6.32 14.02 -3.21
N THR D 205 -6.93 12.86 -2.93
CA THR D 205 -7.51 12.65 -1.59
C THR D 205 -6.49 12.97 -0.48
N GLN D 206 -5.30 12.43 -0.64
CA GLN D 206 -4.23 12.50 0.34
C GLN D 206 -3.64 13.88 0.32
N SER D 207 -3.39 14.42 -0.87
CA SER D 207 -2.70 15.75 -0.95
C SER D 207 -3.62 16.83 -0.38
N ALA D 208 -4.91 16.75 -0.78
CA ALA D 208 -5.88 17.74 -0.33
C ALA D 208 -6.15 17.62 1.20
N ALA D 209 -6.23 16.38 1.71
CA ALA D 209 -6.27 16.16 3.17
C ALA D 209 -5.18 16.93 3.92
N LEU D 210 -3.96 16.83 3.39
CA LEU D 210 -2.83 17.46 3.99
C LEU D 210 -2.94 18.99 3.95
N GLU D 211 -3.24 19.53 2.79
CA GLU D 211 -3.21 20.97 2.56
C GLU D 211 -4.41 21.69 3.20
N LEU D 212 -5.56 21.05 3.18
CA LEU D 212 -6.75 21.70 3.67
C LEU D 212 -6.96 21.45 5.17
N ALA D 213 -6.16 20.57 5.79
CA ALA D 213 -6.37 20.30 7.23
C ALA D 213 -6.33 21.56 8.06
N PRO D 214 -5.42 22.54 7.76
CA PRO D 214 -5.40 23.76 8.58
C PRO D 214 -6.65 24.62 8.48
N TYR D 215 -7.47 24.41 7.44
CA TYR D 215 -8.70 25.12 7.26
C TYR D 215 -9.91 24.32 7.78
N GLY D 216 -9.66 23.25 8.54
CA GLY D 216 -10.76 22.45 9.09
C GLY D 216 -11.53 21.63 8.09
N ILE D 217 -11.03 21.54 6.86
CA ILE D 217 -11.67 20.71 5.81
C ILE D 217 -11.05 19.30 5.68
N ARG D 218 -11.88 18.27 5.85
CA ARG D 218 -11.38 16.90 5.86
C ARG D 218 -11.63 16.37 4.43
N VAL D 219 -10.79 15.45 3.94
CA VAL D 219 -10.89 14.88 2.63
C VAL D 219 -10.64 13.39 2.67
N ASN D 220 -11.62 12.60 2.23
CA ASN D 220 -11.57 11.17 2.41
C ASN D 220 -12.16 10.52 1.21
N GLY D 221 -12.07 9.21 1.14
CA GLY D 221 -12.63 8.44 0.03
C GLY D 221 -13.51 7.28 0.39
N VAL D 222 -14.38 6.86 -0.51
CA VAL D 222 -15.09 5.63 -0.36
C VAL D 222 -14.76 4.91 -1.59
N ALA D 223 -14.39 3.62 -1.47
CA ALA D 223 -13.82 2.87 -2.54
C ALA D 223 -14.67 1.63 -2.73
N PRO D 224 -15.69 1.71 -3.61
CA PRO D 224 -16.43 0.52 -3.88
C PRO D 224 -15.57 -0.55 -4.55
N GLY D 225 -16.00 -1.81 -4.44
CA GLY D 225 -15.51 -2.84 -5.30
C GLY D 225 -16.40 -2.99 -6.52
N VAL D 226 -17.30 -3.96 -6.47
CA VAL D 226 -18.47 -3.94 -7.35
C VAL D 226 -19.76 -3.56 -6.58
N SER D 227 -20.35 -2.45 -7.00
CA SER D 227 -21.71 -2.02 -6.60
C SER D 227 -22.61 -2.19 -7.85
N LEU D 228 -23.63 -1.36 -8.01
CA LEU D 228 -24.64 -1.59 -9.07
C LEU D 228 -23.90 -1.69 -10.36
N LEU D 229 -24.12 -2.76 -11.12
CA LEU D 229 -23.32 -2.96 -12.31
C LEU D 229 -23.96 -2.28 -13.51
N PRO D 230 -23.13 -1.87 -14.48
CA PRO D 230 -23.63 -1.03 -15.57
C PRO D 230 -24.85 -1.63 -16.27
N VAL D 231 -25.75 -0.76 -16.70
CA VAL D 231 -26.94 -1.16 -17.49
C VAL D 231 -26.56 -2.02 -18.71
N ALA D 232 -25.57 -1.52 -19.44
CA ALA D 232 -25.07 -2.14 -20.66
C ALA D 232 -24.24 -3.41 -20.44
N MET D 233 -23.98 -3.79 -19.19
CA MET D 233 -23.19 -4.97 -18.93
C MET D 233 -24.10 -6.22 -19.09
N GLY D 234 -23.59 -7.24 -19.79
CA GLY D 234 -24.34 -8.48 -19.96
C GLY D 234 -24.63 -9.15 -18.61
N GLU D 235 -25.65 -9.99 -18.55
CA GLU D 235 -26.06 -10.64 -17.29
C GLU D 235 -25.04 -11.73 -16.88
N GLU D 236 -24.33 -12.29 -17.86
CA GLU D 236 -23.31 -13.34 -17.58
C GLU D 236 -22.09 -12.71 -16.88
N GLU D 237 -21.69 -11.55 -17.34
CA GLU D 237 -20.51 -10.87 -16.82
C GLU D 237 -20.75 -10.20 -15.45
N LYS D 238 -21.96 -9.69 -15.23
CA LYS D 238 -22.45 -9.34 -13.88
C LYS D 238 -22.31 -10.48 -12.90
N ASP D 239 -22.80 -11.66 -13.27
CA ASP D 239 -22.78 -12.80 -12.35
C ASP D 239 -21.36 -13.18 -12.08
N LYS D 240 -20.55 -13.06 -13.11
CA LYS D 240 -19.17 -13.40 -13.01
C LYS D 240 -18.50 -12.55 -11.91
N TRP D 241 -18.83 -11.26 -11.84
CA TRP D 241 -18.26 -10.41 -10.79
C TRP D 241 -18.83 -10.70 -9.41
N ARG D 242 -20.11 -11.03 -9.37
CA ARG D 242 -20.86 -11.29 -8.15
C ARG D 242 -20.34 -12.51 -7.45
N ARG D 243 -20.05 -13.53 -8.23
CA ARG D 243 -19.56 -14.75 -7.61
C ARG D 243 -18.14 -14.61 -7.07
N LYS D 244 -17.47 -13.47 -7.28
CA LYS D 244 -16.10 -13.29 -6.76
C LYS D 244 -16.08 -12.69 -5.37
N VAL D 245 -17.17 -12.06 -4.98
CA VAL D 245 -17.26 -11.32 -3.75
C VAL D 245 -17.41 -12.31 -2.59
N PRO D 246 -16.42 -12.34 -1.67
CA PRO D 246 -16.55 -13.21 -0.48
C PRO D 246 -17.78 -12.94 0.38
N LEU D 247 -18.04 -11.68 0.74
CA LEU D 247 -19.17 -11.37 1.60
C LEU D 247 -20.46 -11.36 0.81
N GLY D 248 -21.09 -12.52 0.70
CA GLY D 248 -22.45 -12.65 0.24
C GLY D 248 -22.63 -12.98 -1.23
N ARG D 249 -21.52 -13.13 -1.96
CA ARG D 249 -21.51 -13.31 -3.40
C ARG D 249 -22.42 -12.35 -4.21
N ARG D 250 -22.33 -11.05 -3.94
CA ARG D 250 -23.13 -10.03 -4.58
C ARG D 250 -22.47 -8.66 -4.47
N GLU D 251 -22.89 -7.77 -5.38
CA GLU D 251 -22.39 -6.41 -5.47
C GLU D 251 -23.00 -5.65 -4.31
N ALA D 252 -22.42 -4.51 -3.93
CA ALA D 252 -23.08 -3.62 -2.99
C ALA D 252 -24.24 -2.90 -3.63
N SER D 253 -25.26 -2.63 -2.81
CA SER D 253 -26.30 -1.70 -3.15
C SER D 253 -25.73 -0.30 -3.10
N ALA D 254 -26.32 0.61 -3.87
CA ALA D 254 -25.88 2.05 -3.80
C ALA D 254 -26.04 2.57 -2.40
N GLU D 255 -26.99 1.98 -1.65
CA GLU D 255 -27.26 2.49 -0.29
C GLU D 255 -26.06 2.15 0.61
N GLN D 256 -25.48 0.98 0.37
CA GLN D 256 -24.29 0.56 1.10
C GLN D 256 -23.12 1.50 0.89
N ILE D 257 -22.94 1.97 -0.35
CA ILE D 257 -21.89 2.92 -0.64
C ILE D 257 -22.16 4.26 0.04
N ALA D 258 -23.39 4.73 -0.12
CA ALA D 258 -23.84 5.93 0.50
C ALA D 258 -23.65 5.94 2.04
N ASP D 259 -23.95 4.81 2.70
CA ASP D 259 -23.72 4.71 4.15
C ASP D 259 -22.31 5.12 4.55
N ALA D 260 -21.32 4.78 3.72
CA ALA D 260 -19.96 5.06 4.09
C ALA D 260 -19.65 6.54 3.86
N VAL D 261 -20.32 7.12 2.87
CA VAL D 261 -20.21 8.57 2.61
C VAL D 261 -20.77 9.35 3.79
N ILE D 262 -21.97 8.92 4.18
CA ILE D 262 -22.65 9.52 5.36
C ILE D 262 -21.78 9.52 6.62
N PHE D 263 -21.15 8.37 6.90
CA PHE D 263 -20.23 8.31 8.03
C PHE D 263 -19.10 9.27 7.90
N LEU D 264 -18.49 9.34 6.75
CA LEU D 264 -17.31 10.22 6.63
C LEU D 264 -17.61 11.75 6.78
N VAL D 265 -18.78 12.19 6.34
CA VAL D 265 -19.19 13.62 6.52
C VAL D 265 -19.72 13.90 7.94
N SER D 266 -20.04 12.85 8.71
CA SER D 266 -20.71 13.01 10.00
C SER D 266 -19.75 13.44 11.09
N GLY D 267 -20.33 13.79 12.23
CA GLY D 267 -19.52 14.16 13.42
C GLY D 267 -18.81 13.00 14.11
N SER D 268 -19.09 11.77 13.65
CA SER D 268 -18.41 10.57 14.19
C SER D 268 -17.11 10.33 13.44
N ALA D 269 -16.76 11.23 12.50
CA ALA D 269 -15.57 11.14 11.72
C ALA D 269 -14.76 12.40 11.75
N GLN D 270 -14.82 13.14 12.86
CA GLN D 270 -14.21 14.44 12.91
C GLN D 270 -12.71 14.46 12.88
N TYR D 271 -12.06 13.31 13.10
CA TYR D 271 -10.60 13.22 13.14
C TYR D 271 -10.13 12.42 11.96
N ILE D 272 -11.06 11.98 11.11
CA ILE D 272 -10.72 11.20 9.97
C ILE D 272 -10.44 12.14 8.82
N THR D 273 -9.19 12.10 8.32
CA THR D 273 -8.93 12.76 7.02
C THR D 273 -7.82 12.03 6.34
N GLY D 274 -7.93 11.92 5.02
CA GLY D 274 -6.96 11.26 4.20
C GLY D 274 -7.16 9.77 4.19
N SER D 275 -8.30 9.30 4.69
CA SER D 275 -8.60 7.88 4.71
C SER D 275 -9.48 7.52 3.59
N ILE D 276 -9.29 6.30 3.07
CA ILE D 276 -10.09 5.76 2.02
C ILE D 276 -10.65 4.45 2.50
N ILE D 277 -11.98 4.36 2.60
CA ILE D 277 -12.62 3.26 3.22
C ILE D 277 -13.11 2.37 2.14
N LYS D 278 -12.59 1.13 2.02
CA LYS D 278 -13.12 0.20 1.03
C LYS D 278 -14.50 -0.27 1.44
N VAL D 279 -15.37 -0.36 0.46
CA VAL D 279 -16.70 -0.92 0.66
C VAL D 279 -16.91 -1.95 -0.41
N ASP D 280 -16.20 -3.06 -0.21
CA ASP D 280 -16.05 -4.03 -1.28
C ASP D 280 -16.35 -5.49 -0.96
N GLY D 281 -16.95 -5.77 0.18
CA GLY D 281 -17.22 -7.16 0.63
C GLY D 281 -16.04 -8.10 0.52
N GLY D 282 -14.83 -7.53 0.65
CA GLY D 282 -13.61 -8.34 0.57
C GLY D 282 -13.08 -8.60 -0.83
N LEU D 283 -13.73 -8.05 -1.86
CA LEU D 283 -13.33 -8.38 -3.22
C LEU D 283 -11.83 -8.20 -3.53
N SER D 284 -11.25 -7.10 -3.09
CA SER D 284 -9.84 -6.80 -3.36
C SER D 284 -8.88 -7.74 -2.63
N LEU D 285 -9.41 -8.60 -1.75
CA LEU D 285 -8.55 -9.49 -0.98
C LEU D 285 -8.35 -10.78 -1.74
N VAL D 286 -9.07 -10.96 -2.84
CA VAL D 286 -9.13 -12.24 -3.50
C VAL D 286 -8.04 -12.28 -4.56
N HIS D 287 -7.08 -13.20 -4.41
CA HIS D 287 -6.06 -13.36 -5.44
C HIS D 287 -6.68 -14.03 -6.67
N ALA D 288 -5.90 -13.99 -7.73
CA ALA D 288 -6.33 -14.38 -9.04
C ALA D 288 -6.68 -15.85 -9.05
PA NAP E . 10.69 -23.88 1.01
O1A NAP E . 11.30 -24.87 0.08
O2A NAP E . 9.30 -24.09 1.51
O5B NAP E . 11.54 -23.75 2.38
C5B NAP E . 12.88 -23.38 2.37
C4B NAP E . 13.52 -24.03 3.57
O4B NAP E . 12.98 -23.52 4.75
C3B NAP E . 13.30 -25.54 3.68
O3B NAP E . 14.20 -26.15 2.77
C2B NAP E . 13.51 -25.82 5.17
O2B NAP E . 14.76 -26.48 5.54
C1B NAP E . 13.45 -24.37 5.78
N9A NAP E . 12.62 -24.49 6.98
C8A NAP E . 11.36 -24.96 7.06
N7A NAP E . 11.00 -25.09 8.36
C5A NAP E . 12.06 -24.78 9.13
C6A NAP E . 12.36 -24.68 10.54
N6A NAP E . 11.48 -25.00 11.47
N1A NAP E . 13.58 -24.29 10.91
C2A NAP E . 14.53 -23.95 10.01
N3A NAP E . 14.30 -24.01 8.69
C4A NAP E . 13.13 -24.40 8.21
O3 NAP E . 10.88 -22.47 0.38
PN NAP E . 10.94 -22.02 -1.17
O1N NAP E . 12.37 -22.26 -1.62
O2N NAP E . 9.70 -22.54 -1.90
O5D NAP E . 10.72 -20.49 -0.82
C5D NAP E . 11.83 -19.63 -0.49
C4D NAP E . 11.30 -18.34 0.14
O4D NAP E . 10.53 -17.62 -0.84
C3D NAP E . 10.47 -18.58 1.39
O3D NAP E . 10.69 -17.62 2.46
C2D NAP E . 9.08 -18.51 0.82
O2D NAP E . 8.09 -18.32 1.84
C1D NAP E . 9.25 -17.40 -0.25
N1N NAP E . 8.18 -17.49 -1.23
C2N NAP E . 8.18 -18.57 -2.04
C3N NAP E . 7.18 -18.78 -2.96
C7N NAP E . 7.22 -19.96 -3.90
O7N NAP E . 6.48 -19.95 -4.90
N7N NAP E . 8.08 -20.95 -3.69
C4N NAP E . 6.19 -17.84 -3.07
C5N NAP E . 6.21 -16.73 -2.25
C6N NAP E . 7.23 -16.58 -1.31
P2B NAP E . 15.14 -28.06 5.42
O1X NAP E . 14.32 -28.82 6.45
O2X NAP E . 16.63 -28.02 5.70
O3X NAP E . 14.73 -28.47 4.00
CAI FQW F . 2.07 -22.03 -0.37
CAE FQW F . 1.01 -21.54 0.38
CAC FQW F . -0.18 -21.19 -0.31
CAF FQW F . -0.31 -21.33 -1.72
CAJ FQW F . 0.78 -21.80 -2.49
CAR FQW F . 1.97 -22.14 -1.79
CAM FQW F . 3.16 -22.64 -2.58
CAN FQW F . 4.15 -21.60 -3.07
CAU FQW F . 4.60 -20.86 -1.84
CAY FQW F . 5.49 -21.25 -0.94
CAW FQW F . 6.35 -22.35 -0.77
OAB FQW F . 6.38 -23.31 -1.56
NAP FQW F . 7.15 -22.42 0.32
CAS FQW F . 7.17 -21.41 1.24
NAA FQW F . 8.02 -21.44 2.37
NAO FQW F . 6.39 -20.35 1.10
CAX FQW F . 5.58 -20.28 0.03
NAQ FQW F . 4.72 -19.27 -0.23
CAV FQW F . 4.11 -19.64 -1.43
CAT FQW F . 3.03 -18.75 -2.00
CAK FQW F . 2.29 -18.05 -1.04
CAG FQW F . 1.24 -17.18 -1.38
CAD FQW F . 0.95 -17.08 -2.73
CAH FQW F . 1.66 -17.78 -3.69
CAL FQW F . 2.69 -18.65 -3.35
C ACT G . 17.62 -28.09 -5.57
O ACT G . 16.43 -28.10 -5.22
OXT ACT G . 18.09 -27.11 -6.18
CH3 ACT G . 18.54 -29.20 -5.16
PA NAP H . 13.98 17.45 -13.61
O1A NAP H . 15.40 17.90 -13.74
O2A NAP H . 13.02 18.26 -12.79
O5B NAP H . 13.26 17.40 -15.05
C5B NAP H . 13.79 16.55 -16.04
C4B NAP H . 13.46 17.05 -17.41
O4B NAP H . 12.05 16.99 -17.63
C3B NAP H . 13.83 18.47 -17.65
O3B NAP H . 15.22 18.60 -17.91
C2B NAP H . 12.91 18.83 -18.84
O2B NAP H . 13.54 18.92 -20.16
C1B NAP H . 11.82 17.71 -18.82
N9A NAP H . 10.52 18.39 -18.97
C8A NAP H . 9.93 19.22 -18.11
N7A NAP H . 8.80 19.72 -18.61
C5A NAP H . 8.67 19.18 -19.82
C6A NAP H . 7.69 19.30 -20.89
N6A NAP H . 6.62 20.10 -20.73
N1A NAP H . 7.89 18.58 -21.98
C2A NAP H . 8.94 17.77 -22.17
N3A NAP H . 9.89 17.62 -21.25
C4A NAP H . 9.79 18.32 -20.07
O3 NAP H . 13.86 15.87 -13.24
PN NAP H . 14.88 15.07 -12.30
O1N NAP H . 16.14 14.67 -13.02
O2N NAP H . 15.09 15.88 -11.01
O5D NAP H . 14.01 13.76 -12.02
C5D NAP H . 13.88 12.66 -12.91
C4D NAP H . 12.64 11.93 -12.52
O4D NAP H . 12.70 11.44 -11.17
C3D NAP H . 11.43 12.83 -12.66
O3D NAP H . 10.45 12.07 -13.30
C2D NAP H . 11.09 13.10 -11.22
O2D NAP H . 9.71 13.40 -10.97
C1D NAP H . 11.55 11.84 -10.48
N1N NAP H . 11.89 12.16 -9.13
C2N NAP H . 12.94 12.95 -8.91
C3N NAP H . 13.25 13.28 -7.60
C7N NAP H . 14.43 14.12 -7.32
O7N NAP H . 14.78 14.24 -6.15
N7N NAP H . 15.07 14.69 -8.33
C4N NAP H . 12.49 12.81 -6.56
C5N NAP H . 11.39 11.99 -6.84
C6N NAP H . 11.13 11.66 -8.13
P2B NAP H . 14.40 20.23 -20.64
O1X NAP H . 13.40 21.39 -20.73
O2X NAP H . 14.91 19.59 -21.87
O3X NAP H . 15.52 20.41 -19.64
CAI FQW I . 14.00 19.63 -4.18
CAE FQW I . 14.81 20.07 -3.12
CAC FQW I . 14.72 19.44 -1.88
CAF FQW I . 13.83 18.37 -1.71
CAJ FQW I . 13.02 17.91 -2.76
CAR FQW I . 13.11 18.58 -3.98
CAM FQW I . 12.27 18.15 -5.10
CAN FQW I . 12.97 17.09 -5.86
CAU FQW I . 11.91 16.46 -6.75
CAY FQW I . 11.79 16.62 -8.10
CAW FQW I . 12.49 17.36 -9.05
OAB FQW I . 13.48 18.08 -8.79
NAP FQW I . 12.10 17.33 -10.34
CAS FQW I . 11.03 16.58 -10.71
NAA FQW I . 10.66 16.60 -12.04
NAO FQW I . 10.30 15.84 -9.82
CAX FQW I . 10.71 15.89 -8.53
NAQ FQW I . 10.13 15.26 -7.44
CAV FQW I . 10.92 15.61 -6.33
CAT FQW I . 10.55 15.15 -4.95
CAK FQW I . 9.18 14.95 -4.75
CAG FQW I . 8.68 14.58 -3.50
CAD FQW I . 9.55 14.42 -2.42
CAH FQW I . 10.89 14.64 -2.61
CAL FQW I . 11.41 15.04 -3.84
PA NAP J . -2.66 0.85 26.04
O1A NAP J . -3.26 1.75 27.10
O2A NAP J . -1.17 0.85 25.74
O5B NAP J . -3.02 -0.67 26.40
C5B NAP J . -4.38 -1.00 26.55
C4B NAP J . -4.49 -2.26 27.42
O4B NAP J . -3.76 -3.38 26.85
C3B NAP J . -3.89 -2.06 28.83
O3B NAP J . -4.75 -1.39 29.73
C2B NAP J . -3.57 -3.48 29.27
O2B NAP J . -4.54 -3.98 30.17
C1B NAP J . -3.69 -4.28 27.95
N9A NAP J . -2.56 -5.25 27.95
C8A NAP J . -1.23 -4.97 27.95
N7A NAP J . -0.48 -6.09 27.99
C5A NAP J . -1.36 -7.07 28.11
C6A NAP J . -1.28 -8.50 28.23
N6A NAP J . -0.05 -9.03 28.29
N1A NAP J . -2.42 -9.22 28.29
C2A NAP J . -3.63 -8.64 28.26
N3A NAP J . -3.80 -7.32 28.13
C4A NAP J . -2.72 -6.52 28.08
O3 NAP J . -3.61 0.95 24.74
PN NAP J . -4.16 2.35 24.10
O1N NAP J . -5.53 2.51 24.69
O2N NAP J . -3.09 3.39 24.14
O5D NAP J . -4.31 1.87 22.60
C5D NAP J . -5.42 1.00 22.25
C4D NAP J . -5.12 0.27 20.95
O4D NAP J . -4.99 1.22 19.86
C3D NAP J . -3.84 -0.55 21.05
O3D NAP J . -4.00 -1.77 20.34
C2D NAP J . -2.83 0.33 20.39
O2D NAP J . -1.74 -0.39 19.82
C1D NAP J . -3.66 1.06 19.34
N1N NAP J . -3.00 2.33 19.08
C2N NAP J . -3.03 3.27 20.01
C3N NAP J . -2.39 4.46 19.76
C7N NAP J . -2.39 5.56 20.74
O7N NAP J . -2.08 6.64 20.28
N7N NAP J . -2.67 5.42 22.04
C4N NAP J . -1.79 4.65 18.54
C5N NAP J . -1.75 3.66 17.59
C6N NAP J . -2.38 2.49 17.89
P2B NAP J . -4.47 -3.94 31.79
O1X NAP J . -5.78 -4.68 32.13
O2X NAP J . -4.39 -2.46 32.05
O3X NAP J . -3.27 -4.74 32.17
CAI FQW K . 4.23 4.86 20.64
CAE FQW K . 5.37 4.83 19.81
CAC FQW K . 5.96 6.03 19.47
CAF FQW K . 5.43 7.22 19.94
CAJ FQW K . 4.29 7.25 20.76
CAR FQW K . 3.69 6.05 21.12
CAM FQW K . 2.50 6.04 22.03
CAN FQW K . 1.21 5.82 21.33
CAU FQW K . 1.00 4.39 20.91
CAY FQW K . 0.56 3.39 21.70
CAW FQW K . 0.15 3.24 23.04
OAB FQW K . 0.14 4.11 23.90
NAP FQW K . -0.26 2.02 23.46
CAS FQW K . -0.27 0.94 22.62
NAA FQW K . -0.66 -0.34 23.10
NAO FQW K . 0.10 1.07 21.32
CAX FQW K . 0.51 2.26 20.91
NAQ FQW K . 0.93 2.53 19.62
CAV FQW K . 1.22 3.88 19.64
CAT FQW K . 1.80 4.55 18.43
CAK FQW K . 2.51 3.71 17.52
CAG FQW K . 3.16 4.21 16.41
CAD FQW K . 3.13 5.57 16.16
CAH FQW K . 2.47 6.41 17.04
CAL FQW K . 1.82 5.92 18.16
PA NAP L . -21.87 5.82 -13.24
O1A NAP L . -23.35 5.67 -13.26
O2A NAP L . -21.06 5.03 -14.21
O5B NAP L . -21.44 7.37 -13.50
C5B NAP L . -22.02 8.33 -12.60
C4B NAP L . -22.35 9.64 -13.32
O4B NAP L . -21.17 10.34 -13.70
C3B NAP L . -23.17 9.48 -14.59
O3B NAP L . -24.56 9.40 -14.31
C2B NAP L . -22.87 10.72 -15.40
O2B NAP L . -23.93 11.73 -15.43
C1B NAP L . -21.58 11.21 -14.73
N9A NAP L . -20.67 11.41 -15.84
C8A NAP L . -20.14 10.58 -16.74
N7A NAP L . -19.38 11.28 -17.62
C5A NAP L . -19.47 12.57 -17.30
C6A NAP L . -18.97 13.84 -17.81
N6A NAP L . -18.19 13.95 -18.90
N1A NAP L . -19.31 14.92 -17.10
C2A NAP L . -20.08 14.88 -15.99
N3A NAP L . -20.61 13.75 -15.50
C4A NAP L . -20.32 12.62 -16.11
O3 NAP L . -21.35 5.77 -11.72
PN NAP L . -21.68 4.68 -10.57
O1N NAP L . -23.00 5.18 -9.96
O2N NAP L . -21.73 3.30 -11.15
O5D NAP L . -20.38 4.92 -9.66
C5D NAP L . -20.30 6.09 -8.82
C4D NAP L . -18.85 6.27 -8.43
O4D NAP L . -18.39 5.04 -7.86
C3D NAP L . -17.94 6.54 -9.62
O3D NAP L . -16.87 7.46 -9.34
C2D NAP L . -17.29 5.23 -9.88
O2D NAP L . -16.06 5.33 -10.62
C1D NAP L . -17.17 4.64 -8.47
N1N NAP L . -17.13 3.18 -8.51
C2N NAP L . -18.23 2.48 -8.93
C3N NAP L . -18.19 1.06 -8.97
C7N NAP L . -19.37 0.24 -9.38
O7N NAP L . -19.33 -1.01 -9.30
N7N NAP L . -20.47 0.88 -9.90
C4N NAP L . -16.99 0.45 -8.61
C5N NAP L . -15.85 1.21 -8.22
C6N NAP L . -15.95 2.58 -8.19
P2B NAP L . -25.30 11.73 -16.36
O1X NAP L . -24.82 12.07 -17.73
O2X NAP L . -25.91 12.93 -15.64
O3X NAP L . -26.09 10.43 -16.21
CAI FQW M . -16.46 -3.11 -14.42
CAE FQW M . -15.19 -3.27 -14.96
CAC FQW M . -14.50 -2.13 -15.43
CAF FQW M . -15.05 -0.82 -15.42
CAJ FQW M . -16.34 -0.67 -14.91
CAR FQW M . -17.02 -1.83 -14.42
CAM FQW M . -18.38 -1.66 -13.84
CAN FQW M . -18.29 -1.22 -12.42
CAU FQW M . -17.49 0.04 -12.29
CAY FQW M . -17.90 1.32 -12.58
CAW FQW M . -19.06 1.92 -13.08
OAB FQW M . -20.07 1.28 -13.39
NAP FQW M . -19.11 3.27 -13.23
CAS FQW M . -18.05 4.06 -12.95
NAA FQW M . -18.12 5.43 -13.19
NAO FQW M . -16.90 3.50 -12.48
CAX FQW M . -16.85 2.17 -12.32
NAQ FQW M . -15.78 1.46 -11.84
CAV FQW M . -16.19 0.13 -11.79
CAT FQW M . -15.24 -0.94 -11.41
CAK FQW M . -13.88 -0.61 -11.54
CAG FQW M . -12.88 -1.54 -11.28
CAD FQW M . -13.27 -2.82 -10.92
CAH FQW M . -14.58 -3.17 -10.83
CAL FQW M . -15.58 -2.24 -11.08
#